data_8VCH
#
_entry.id   8VCH
#
_cell.length_a   1.00
_cell.length_b   1.00
_cell.length_c   1.00
_cell.angle_alpha   90.00
_cell.angle_beta   90.00
_cell.angle_gamma   90.00
#
_symmetry.space_group_name_H-M   'P 1'
#
loop_
_entity.id
_entity.type
_entity.pdbx_description
1 polymer 'Potassium voltage-gated channel subfamily A member 2'
2 non-polymer 'POTASSIUM ION'
#
_entity_poly.entity_id   1
_entity_poly.type   'polypeptide(L)'
_entity_poly.pdbx_seq_one_letter_code
;MSAWSHPQFEKGGGSGGGSGGSAWSHPQFEKLVPRGSMTVATGDPVDEAAAHPGHPQDTYDPEADHECCERVVINISGLR
FETQLKTLAQFPETLLGDPKKRMRYFDPLRNEYFFDRNRPSFDAILYYYQSGGRLRRPVNVPLDIFSEEIRFYELGEEAM
EMFREDEGYIKEEERPLPENEFQRQVWLLFEYPESSGPARIIAIVSVMVILISIVSFCLETLPIFRDENEDMHGSGVTFH
TYSQSTIGYQQSTSFTDPFFIVETLCIIWFSFEFLVRFFACPSKAGFFTNIMNIIDIVAIIPYFITLGTELAEKPEDAQQ
GQQAMSLAILRVIRLVRVFRIFKLSRHSKGLQILGQTLKASMRELGLLIFFLFIGVILFSSAVYFAEADERDSQFPSIPD
AFFWAVVSMTTVGYGDMVPTTIGGKIVGSLCAIAGVLTIALPVPVIVSNFNYFYHRETEGEEQAQYLQVTSCPKIPSSPD
LKKSRSASTISKSDYMEIQEGVNNSNEDFREENLKTANCTLANTNYVNITKMLTDV
;
_entity_poly.pdbx_strand_id   A,B,C,D
#
loop_
_chem_comp.id
_chem_comp.type
_chem_comp.name
_chem_comp.formula
K non-polymer 'POTASSIUM ION' 'K 1'
#
# COMPACT_ATOMS: atom_id res chain seq x y z
N ARG A 175 -20.68 9.42 38.04
CA ARG A 175 -20.63 10.88 38.05
C ARG A 175 -20.90 11.44 39.44
N PRO A 176 -21.36 10.58 40.34
CA PRO A 176 -21.66 11.03 41.71
C PRO A 176 -20.38 11.30 42.48
N LEU A 177 -20.29 12.49 43.08
CA LEU A 177 -19.13 12.85 43.87
C LEU A 177 -19.12 12.07 45.18
N PRO A 178 -17.95 11.96 45.82
CA PRO A 178 -17.91 11.22 47.10
C PRO A 178 -18.77 11.84 48.18
N GLU A 179 -18.97 13.16 48.15
CA GLU A 179 -19.82 13.89 49.08
C GLU A 179 -19.18 14.16 50.44
N ASN A 180 -17.90 13.81 50.63
CA ASN A 180 -17.21 14.09 51.88
C ASN A 180 -16.79 15.54 52.00
N GLU A 181 -16.90 16.32 50.93
CA GLU A 181 -16.49 17.72 50.92
C GLU A 181 -14.98 17.85 50.83
N PHE A 182 -14.27 16.73 50.96
CA PHE A 182 -12.84 16.67 50.68
C PHE A 182 -12.50 15.51 49.76
N GLN A 183 -13.14 14.35 49.94
CA GLN A 183 -12.94 13.26 49.00
C GLN A 183 -13.55 13.60 47.65
N ARG A 184 -14.73 14.23 47.65
CA ARG A 184 -15.34 14.66 46.40
C ARG A 184 -14.48 15.71 45.70
N GLN A 185 -13.90 16.64 46.46
CA GLN A 185 -13.05 17.66 45.85
C GLN A 185 -11.82 17.05 45.20
N VAL A 186 -11.20 16.06 45.87
CA VAL A 186 -10.03 15.41 45.29
C VAL A 186 -10.40 14.60 44.07
N TRP A 187 -11.53 13.88 44.13
CA TRP A 187 -11.96 13.07 43.00
C TRP A 187 -12.27 13.94 41.78
N LEU A 188 -12.95 15.08 42.01
CA LEU A 188 -13.27 15.96 40.91
C LEU A 188 -12.03 16.61 40.33
N LEU A 189 -11.02 16.86 41.17
CA LEU A 189 -9.76 17.42 40.67
C LEU A 189 -9.00 16.40 39.84
N PHE A 190 -9.00 15.14 40.27
CA PHE A 190 -8.17 14.11 39.64
C PHE A 190 -8.92 13.29 38.60
N GLU A 191 -10.18 13.60 38.32
CA GLU A 191 -10.93 12.88 37.30
C GLU A 191 -11.57 13.77 36.25
N TYR A 192 -11.91 15.02 36.57
CA TYR A 192 -12.53 15.94 35.62
C TYR A 192 -11.60 17.12 35.41
N PRO A 193 -10.78 17.08 34.36
CA PRO A 193 -9.87 18.21 34.09
C PRO A 193 -10.60 19.52 33.87
N GLU A 194 -11.82 19.51 33.35
CA GLU A 194 -12.55 20.74 33.07
C GLU A 194 -13.18 21.34 34.32
N SER A 195 -13.04 20.70 35.48
CA SER A 195 -13.66 21.21 36.71
C SER A 195 -13.10 22.57 37.11
N SER A 196 -11.80 22.79 37.01
CA SER A 196 -11.19 24.04 37.43
C SER A 196 -9.83 24.17 36.76
N GLY A 197 -9.13 25.26 37.06
CA GLY A 197 -7.80 25.49 36.57
C GLY A 197 -6.77 24.49 37.07
N PRO A 198 -6.76 24.23 38.39
CA PRO A 198 -5.83 23.22 38.91
C PRO A 198 -6.03 21.85 38.31
N ALA A 199 -7.26 21.48 37.96
CA ALA A 199 -7.47 20.19 37.29
C ALA A 199 -6.78 20.14 35.94
N ARG A 200 -6.89 21.23 35.15
CA ARG A 200 -6.17 21.28 33.88
C ARG A 200 -4.67 21.27 34.07
N ILE A 201 -4.16 21.98 35.08
CA ILE A 201 -2.74 21.98 35.35
C ILE A 201 -2.27 20.57 35.71
N ILE A 202 -3.04 19.86 36.52
CA ILE A 202 -2.68 18.50 36.90
C ILE A 202 -2.72 17.58 35.70
N ALA A 203 -3.70 17.75 34.82
CA ALA A 203 -3.73 16.93 33.61
C ALA A 203 -2.51 17.17 32.73
N ILE A 204 -2.13 18.44 32.56
CA ILE A 204 -0.94 18.75 31.76
C ILE A 204 0.30 18.16 32.41
N VAL A 205 0.40 18.26 33.74
CA VAL A 205 1.56 17.71 34.44
C VAL A 205 1.62 16.20 34.26
N SER A 206 0.46 15.53 34.36
CA SER A 206 0.44 14.08 34.18
C SER A 206 0.85 13.68 32.77
N VAL A 207 0.38 14.41 31.76
CA VAL A 207 0.77 14.11 30.39
C VAL A 207 2.27 14.30 30.21
N MET A 208 2.81 15.40 30.77
CA MET A 208 4.25 15.64 30.67
C MET A 208 5.04 14.55 31.37
N VAL A 209 4.58 14.09 32.53
CA VAL A 209 5.28 13.02 33.24
C VAL A 209 5.24 11.72 32.45
N ILE A 210 4.09 11.42 31.84
CA ILE A 210 4.00 10.22 31.01
C ILE A 210 4.96 10.30 29.83
N LEU A 211 5.02 11.45 29.17
CA LEU A 211 5.93 11.60 28.04
C LEU A 211 7.38 11.51 28.48
N ILE A 212 7.72 12.08 29.64
CA ILE A 212 9.08 11.99 30.16
C ILE A 212 9.43 10.54 30.45
N SER A 213 8.50 9.79 31.05
CA SER A 213 8.74 8.38 31.32
C SER A 213 8.95 7.60 30.02
N ILE A 214 8.16 7.90 28.99
CA ILE A 214 8.33 7.23 27.71
C ILE A 214 9.70 7.54 27.11
N VAL A 215 10.12 8.81 27.17
CA VAL A 215 11.42 9.19 26.63
C VAL A 215 12.54 8.49 27.39
N SER A 216 12.42 8.42 28.72
CA SER A 216 13.43 7.74 29.52
C SER A 216 13.48 6.25 29.18
N PHE A 217 12.32 5.63 29.02
CA PHE A 217 12.28 4.21 28.69
C PHE A 217 12.93 3.95 27.34
N CYS A 218 12.71 4.83 26.36
CA CYS A 218 13.31 4.65 25.05
C CYS A 218 14.82 4.92 25.09
N LEU A 219 15.26 5.91 25.85
CA LEU A 219 16.67 6.27 25.90
C LEU A 219 17.49 5.38 26.82
N GLU A 220 16.85 4.55 27.65
CA GLU A 220 17.60 3.60 28.46
C GLU A 220 18.29 2.55 27.61
N THR A 221 17.70 2.20 26.46
CA THR A 221 18.23 1.15 25.62
C THR A 221 19.34 1.62 24.70
N LEU A 222 19.63 2.90 24.67
CA LEU A 222 20.64 3.44 23.77
C LEU A 222 22.02 2.94 24.17
N PRO A 223 22.84 2.46 23.23
CA PRO A 223 24.13 1.87 23.60
C PRO A 223 25.17 2.87 24.07
N ILE A 224 24.95 4.17 23.86
CA ILE A 224 25.90 5.19 24.32
C ILE A 224 26.04 5.20 25.83
N PHE A 225 25.01 4.78 26.56
CA PHE A 225 25.03 4.78 28.02
C PHE A 225 25.27 3.38 28.56
N GLN A 244 21.24 -2.54 35.53
CA GLN A 244 22.58 -2.42 34.98
C GLN A 244 22.56 -2.43 33.45
N SER A 245 22.68 -3.63 32.88
CA SER A 245 22.64 -3.81 31.44
C SER A 245 21.45 -4.62 30.96
N THR A 246 20.85 -5.43 31.82
CA THR A 246 19.72 -6.26 31.43
C THR A 246 18.43 -5.90 32.16
N ILE A 247 18.43 -4.88 33.01
CA ILE A 247 17.22 -4.47 33.71
C ILE A 247 16.82 -3.03 33.44
N GLY A 248 17.70 -2.19 32.88
CA GLY A 248 17.37 -0.83 32.56
C GLY A 248 17.67 0.19 33.65
N TYR A 249 18.03 -0.26 34.86
CA TYR A 249 18.33 0.66 35.94
C TYR A 249 19.12 -0.09 37.01
N GLN A 250 20.17 0.54 37.50
CA GLN A 250 20.99 -0.03 38.57
C GLN A 250 20.66 0.65 39.88
N GLN A 251 20.23 -0.12 40.87
CA GLN A 251 19.85 0.43 42.16
C GLN A 251 21.08 0.74 42.98
N SER A 252 21.12 1.93 43.57
CA SER A 252 22.13 2.30 44.55
C SER A 252 21.47 3.23 45.55
N THR A 253 22.05 3.28 46.75
CA THR A 253 21.53 4.20 47.76
C THR A 253 21.65 5.65 47.29
N SER A 254 22.78 5.98 46.65
CA SER A 254 23.00 7.32 46.14
C SER A 254 22.25 7.61 44.84
N PHE A 255 21.69 6.58 44.20
CA PHE A 255 20.98 6.73 42.92
C PHE A 255 21.88 7.37 41.87
N THR A 256 22.95 6.66 41.54
CA THR A 256 23.91 7.18 40.57
C THR A 256 23.31 7.30 39.18
N ASP A 257 22.51 6.31 38.77
CA ASP A 257 21.99 6.30 37.42
C ASP A 257 20.92 7.38 37.26
N PRO A 258 21.10 8.31 36.32
CA PRO A 258 20.02 9.29 36.08
C PRO A 258 18.73 8.65 35.61
N PHE A 259 18.84 7.58 34.83
CA PHE A 259 17.65 6.90 34.35
C PHE A 259 16.85 6.29 35.49
N PHE A 260 17.54 5.73 36.48
CA PHE A 260 16.85 5.23 37.66
C PHE A 260 16.14 6.35 38.40
N ILE A 261 16.77 7.52 38.51
CA ILE A 261 16.14 8.65 39.18
C ILE A 261 14.88 9.07 38.44
N VAL A 262 14.97 9.19 37.11
CA VAL A 262 13.81 9.62 36.33
C VAL A 262 12.68 8.60 36.43
N GLU A 263 13.02 7.31 36.30
CA GLU A 263 12.01 6.27 36.39
C GLU A 263 11.37 6.25 37.77
N THR A 264 12.17 6.43 38.82
CA THR A 264 11.63 6.46 40.18
C THR A 264 10.69 7.64 40.37
N LEU A 265 11.06 8.81 39.85
CA LEU A 265 10.18 9.97 39.97
C LEU A 265 8.86 9.74 39.23
N CYS A 266 8.94 9.18 38.02
CA CYS A 266 7.72 8.90 37.26
C CYS A 266 6.85 7.88 37.98
N ILE A 267 7.46 6.84 38.52
CA ILE A 267 6.71 5.81 39.22
C ILE A 267 6.09 6.37 40.50
N ILE A 268 6.81 7.24 41.20
CA ILE A 268 6.27 7.86 42.39
C ILE A 268 5.06 8.72 42.06
N TRP A 269 5.15 9.50 40.99
CA TRP A 269 3.98 10.30 40.59
C TRP A 269 2.81 9.41 40.19
N PHE A 270 3.08 8.36 39.42
CA PHE A 270 2.00 7.46 39.00
C PHE A 270 1.35 6.79 40.19
N SER A 271 2.17 6.34 41.16
CA SER A 271 1.64 5.67 42.34
C SER A 271 0.84 6.65 43.20
N PHE A 272 1.32 7.88 43.34
CA PHE A 272 0.55 8.89 44.07
C PHE A 272 -0.80 9.13 43.41
N GLU A 273 -0.82 9.29 42.09
CA GLU A 273 -2.08 9.52 41.40
C GLU A 273 -3.02 8.34 41.56
N PHE A 274 -2.50 7.12 41.38
CA PHE A 274 -3.35 5.94 41.49
C PHE A 274 -3.89 5.76 42.90
N LEU A 275 -3.05 5.96 43.91
CA LEU A 275 -3.50 5.81 45.29
C LEU A 275 -4.54 6.87 45.64
N VAL A 276 -4.32 8.12 45.20
CA VAL A 276 -5.26 9.18 45.52
C VAL A 276 -6.59 8.95 44.83
N ARG A 277 -6.57 8.41 43.60
CA ARG A 277 -7.81 8.09 42.93
C ARG A 277 -8.52 6.91 43.59
N PHE A 278 -7.76 5.91 44.04
CA PHE A 278 -8.35 4.77 44.72
C PHE A 278 -8.98 5.18 46.05
N PHE A 279 -8.34 6.10 46.77
CA PHE A 279 -8.89 6.56 48.04
C PHE A 279 -10.06 7.51 47.84
N ALA A 280 -10.03 8.31 46.77
CA ALA A 280 -11.06 9.29 46.51
C ALA A 280 -12.17 8.76 45.60
N CYS A 281 -12.14 7.49 45.24
CA CYS A 281 -13.17 6.94 44.39
C CYS A 281 -14.51 6.91 45.10
N PRO A 282 -15.60 7.31 44.44
CA PRO A 282 -16.92 7.23 45.08
C PRO A 282 -17.34 5.79 45.35
N SER A 283 -17.28 4.92 44.34
CA SER A 283 -17.65 3.52 44.47
C SER A 283 -16.43 2.69 44.08
N LYS A 284 -15.79 2.07 45.08
CA LYS A 284 -14.62 1.25 44.84
C LYS A 284 -14.95 -0.10 44.23
N ALA A 285 -16.23 -0.48 44.17
CA ALA A 285 -16.61 -1.76 43.58
C ALA A 285 -16.32 -1.77 42.08
N GLY A 286 -16.68 -0.70 41.39
CA GLY A 286 -16.47 -0.59 39.96
C GLY A 286 -15.13 -0.03 39.55
N PHE A 287 -14.23 0.22 40.51
CA PHE A 287 -12.91 0.77 40.19
C PHE A 287 -12.09 -0.21 39.37
N PHE A 288 -12.14 -1.50 39.71
CA PHE A 288 -11.35 -2.51 39.01
C PHE A 288 -11.99 -2.96 37.70
N THR A 289 -13.20 -2.49 37.40
CA THR A 289 -13.85 -2.88 36.15
C THR A 289 -13.42 -1.99 34.99
N ASN A 290 -13.00 -0.76 35.27
CA ASN A 290 -12.62 0.17 34.23
C ASN A 290 -11.25 -0.23 33.68
N ILE A 291 -11.14 -0.29 32.35
CA ILE A 291 -9.87 -0.66 31.72
C ILE A 291 -8.82 0.43 31.95
N MET A 292 -9.24 1.69 31.98
CA MET A 292 -8.30 2.81 32.17
C MET A 292 -7.65 2.79 33.54
N ASN A 293 -8.17 2.04 34.50
CA ASN A 293 -7.50 1.84 35.78
C ASN A 293 -6.61 0.62 35.80
N ILE A 294 -7.01 -0.47 35.13
CA ILE A 294 -6.15 -1.63 35.01
C ILE A 294 -4.88 -1.28 34.25
N ILE A 295 -5.01 -0.42 33.23
CA ILE A 295 -3.84 0.04 32.49
C ILE A 295 -2.90 0.82 33.40
N ASP A 296 -3.46 1.65 34.28
CA ASP A 296 -2.67 2.38 35.25
C ASP A 296 -1.95 1.47 36.24
N ILE A 297 -2.63 0.43 36.74
CA ILE A 297 -1.99 -0.51 37.65
C ILE A 297 -0.88 -1.29 36.96
N VAL A 298 -1.12 -1.81 35.75
CA VAL A 298 -0.09 -2.63 35.10
C VAL A 298 1.13 -1.81 34.72
N ALA A 299 0.98 -0.50 34.51
CA ALA A 299 2.11 0.34 34.14
C ALA A 299 3.00 0.66 35.33
N ILE A 300 2.59 0.31 36.54
CA ILE A 300 3.36 0.61 37.75
C ILE A 300 3.95 -0.69 38.28
N ILE A 301 3.37 -1.82 37.87
CA ILE A 301 3.80 -3.12 38.40
C ILE A 301 5.26 -3.43 38.14
N PRO A 302 5.81 -3.28 36.92
CA PRO A 302 7.19 -3.73 36.69
C PRO A 302 8.22 -3.07 37.60
N TYR A 303 8.00 -1.82 37.99
CA TYR A 303 8.96 -1.16 38.87
C TYR A 303 8.99 -1.81 40.25
N PHE A 304 7.82 -2.15 40.79
CA PHE A 304 7.77 -2.70 42.14
C PHE A 304 8.21 -4.15 42.18
N ILE A 305 7.91 -4.94 41.13
CA ILE A 305 8.41 -6.30 41.08
C ILE A 305 9.93 -6.31 41.04
N THR A 306 10.50 -5.46 40.18
CA THR A 306 11.95 -5.39 40.04
C THR A 306 12.59 -4.90 41.33
N LEU A 307 11.99 -3.89 41.97
CA LEU A 307 12.53 -3.37 43.23
C LEU A 307 12.50 -4.42 44.32
N GLY A 308 11.38 -5.13 44.44
CA GLY A 308 11.30 -6.19 45.44
C GLY A 308 12.30 -7.30 45.16
N THR A 309 12.55 -7.58 43.88
CA THR A 309 13.54 -8.59 43.54
C THR A 309 14.93 -8.17 43.97
N GLU A 310 15.33 -6.94 43.63
CA GLU A 310 16.70 -6.53 43.92
C GLU A 310 16.92 -6.36 45.42
N LEU A 311 15.98 -5.72 46.11
CA LEU A 311 16.14 -5.54 47.55
C LEU A 311 16.06 -6.88 48.28
N ALA A 312 15.15 -7.76 47.88
CA ALA A 312 15.00 -9.06 48.53
C ALA A 312 14.87 -10.16 47.48
N SER A 326 15.35 -16.62 35.54
CA SER A 326 15.77 -15.32 36.04
C SER A 326 16.16 -14.38 34.90
N LEU A 327 16.00 -14.87 33.66
CA LEU A 327 16.41 -14.12 32.48
C LEU A 327 15.25 -13.83 31.53
N ALA A 328 14.46 -14.86 31.16
CA ALA A 328 13.41 -14.64 30.16
C ALA A 328 12.28 -13.79 30.72
N ILE A 329 11.82 -14.10 31.94
CA ILE A 329 10.78 -13.29 32.58
C ILE A 329 11.28 -11.88 32.87
N LEU A 330 12.60 -11.69 32.99
CA LEU A 330 13.13 -10.32 33.06
C LEU A 330 12.84 -9.56 31.77
N ARG A 331 13.05 -10.21 30.62
CA ARG A 331 12.68 -9.61 29.34
C ARG A 331 11.18 -9.36 29.27
N VAL A 332 10.38 -10.31 29.79
CA VAL A 332 8.93 -10.15 29.78
C VAL A 332 8.52 -8.92 30.59
N ILE A 333 9.08 -8.77 31.78
CA ILE A 333 8.76 -7.63 32.64
C ILE A 333 9.19 -6.33 31.98
N ARG A 334 10.39 -6.31 31.41
CA ARG A 334 10.88 -5.08 30.77
C ARG A 334 10.00 -4.71 29.58
N LEU A 335 9.52 -5.70 28.83
CA LEU A 335 8.60 -5.43 27.74
C LEU A 335 7.27 -4.89 28.25
N VAL A 336 6.82 -5.36 29.42
CA VAL A 336 5.56 -4.89 29.99
C VAL A 336 5.66 -3.40 30.33
N ARG A 337 6.87 -2.89 30.54
CA ARG A 337 7.04 -1.46 30.83
C ARG A 337 6.50 -0.58 29.72
N VAL A 338 6.46 -1.09 28.49
CA VAL A 338 6.00 -0.27 27.36
C VAL A 338 4.51 0.03 27.44
N PHE A 339 3.77 -0.65 28.31
CA PHE A 339 2.33 -0.44 28.41
C PHE A 339 1.98 0.86 29.09
N ARG A 340 2.95 1.63 29.59
CA ARG A 340 2.64 2.92 30.18
C ARG A 340 2.33 3.99 29.15
N ILE A 341 2.60 3.71 27.87
CA ILE A 341 2.20 4.63 26.81
C ILE A 341 0.69 4.69 26.69
N PHE A 342 -0.01 3.66 27.12
CA PHE A 342 -1.47 3.63 27.09
C PHE A 342 -2.10 4.48 28.19
N LYS A 343 -1.30 4.96 29.14
CA LYS A 343 -1.83 5.89 30.13
C LYS A 343 -2.21 7.22 29.50
N LEU A 344 -1.77 7.48 28.27
CA LEU A 344 -2.23 8.66 27.54
C LEU A 344 -3.69 8.54 27.14
N SER A 345 -4.27 7.34 27.19
CA SER A 345 -5.68 7.19 26.85
C SER A 345 -6.58 7.92 27.84
N ARG A 346 -6.12 8.08 29.08
CA ARG A 346 -6.87 8.86 30.06
C ARG A 346 -7.02 10.31 29.62
N HIS A 347 -6.01 10.84 28.92
CA HIS A 347 -6.00 12.25 28.52
C HIS A 347 -6.23 12.46 27.03
N SER A 348 -6.35 11.39 26.24
CA SER A 348 -6.55 11.51 24.80
C SER A 348 -7.87 10.82 24.42
N LYS A 349 -8.78 11.58 23.82
CA LYS A 349 -10.05 11.01 23.39
C LYS A 349 -9.90 10.13 22.16
N GLY A 350 -8.94 10.44 21.29
CA GLY A 350 -8.72 9.59 20.13
C GLY A 350 -8.28 8.19 20.51
N LEU A 351 -7.44 8.08 21.53
CA LEU A 351 -7.01 6.76 22.00
C LEU A 351 -8.18 5.98 22.58
N GLN A 352 -9.07 6.65 23.32
CA GLN A 352 -10.25 5.98 23.84
C GLN A 352 -11.16 5.52 22.70
N ILE A 353 -11.31 6.35 21.67
CA ILE A 353 -12.12 5.98 20.52
C ILE A 353 -11.53 4.77 19.81
N LEU A 354 -10.19 4.74 19.69
CA LEU A 354 -9.53 3.57 19.12
C LEU A 354 -9.78 2.33 19.96
N GLY A 355 -9.72 2.47 21.28
CA GLY A 355 -10.01 1.34 22.14
C GLY A 355 -11.42 0.83 21.99
N GLN A 356 -12.40 1.74 21.90
CA GLN A 356 -13.78 1.33 21.68
C GLN A 356 -13.93 0.63 20.33
N THR A 357 -13.26 1.15 19.30
CA THR A 357 -13.33 0.54 17.98
C THR A 357 -12.77 -0.87 17.99
N LEU A 358 -11.62 -1.06 18.64
CA LEU A 358 -11.02 -2.38 18.72
C LEU A 358 -11.87 -3.34 19.55
N LYS A 359 -12.46 -2.87 20.64
CA LYS A 359 -13.34 -3.73 21.42
C LYS A 359 -14.58 -4.14 20.63
N ALA A 360 -15.12 -3.21 19.83
CA ALA A 360 -16.31 -3.50 19.06
C ALA A 360 -16.03 -4.27 17.77
N SER A 361 -14.76 -4.40 17.37
CA SER A 361 -14.40 -5.06 16.13
C SER A 361 -13.49 -6.25 16.36
N MET A 362 -13.64 -6.96 17.48
CA MET A 362 -12.80 -8.12 17.76
C MET A 362 -13.01 -9.23 16.74
N ARG A 363 -14.26 -9.49 16.34
CA ARG A 363 -14.53 -10.50 15.33
C ARG A 363 -13.86 -10.15 14.01
N GLU A 364 -13.90 -8.88 13.64
CA GLU A 364 -13.28 -8.45 12.39
C GLU A 364 -11.77 -8.62 12.42
N LEU A 365 -11.14 -8.31 13.55
CA LEU A 365 -9.70 -8.54 13.70
C LEU A 365 -9.39 -10.02 13.61
N GLY A 366 -10.21 -10.85 14.25
CA GLY A 366 -10.02 -12.29 14.16
C GLY A 366 -10.12 -12.80 12.74
N LEU A 367 -11.10 -12.28 11.99
CA LEU A 367 -11.23 -12.67 10.58
C LEU A 367 -10.03 -12.20 9.78
N LEU A 368 -9.53 -11.00 10.04
CA LEU A 368 -8.36 -10.52 9.32
C LEU A 368 -7.15 -11.40 9.57
N ILE A 369 -6.92 -11.77 10.84
CA ILE A 369 -5.79 -12.63 11.17
C ILE A 369 -5.97 -14.02 10.58
N PHE A 370 -7.20 -14.54 10.62
CA PHE A 370 -7.45 -15.87 10.07
C PHE A 370 -7.24 -15.90 8.55
N PHE A 371 -7.72 -14.87 7.85
CA PHE A 371 -7.50 -14.78 6.41
C PHE A 371 -6.02 -14.65 6.10
N LEU A 372 -5.31 -13.85 6.90
CA LEU A 372 -3.87 -13.74 6.72
C LEU A 372 -3.19 -15.10 6.89
N PHE A 373 -3.60 -15.87 7.90
CA PHE A 373 -3.00 -17.18 8.14
C PHE A 373 -3.28 -18.12 6.98
N ILE A 374 -4.52 -18.11 6.47
CA ILE A 374 -4.86 -18.95 5.33
C ILE A 374 -3.99 -18.60 4.14
N GLY A 375 -3.93 -17.31 3.80
CA GLY A 375 -3.15 -16.90 2.64
C GLY A 375 -1.68 -17.18 2.81
N VAL A 376 -1.15 -16.97 4.01
CA VAL A 376 0.27 -17.19 4.27
C VAL A 376 0.62 -18.67 4.10
N ILE A 377 -0.20 -19.56 4.67
CA ILE A 377 0.08 -20.97 4.52
C ILE A 377 0.00 -21.38 3.05
N LEU A 378 -1.06 -20.95 2.36
CA LEU A 378 -1.25 -21.35 0.98
C LEU A 378 -0.09 -20.88 0.10
N PHE A 379 0.26 -19.59 0.19
CA PHE A 379 1.26 -19.05 -0.70
C PHE A 379 2.67 -19.46 -0.29
N SER A 380 2.91 -19.70 1.01
CA SER A 380 4.19 -20.26 1.41
C SER A 380 4.39 -21.65 0.85
N SER A 381 3.35 -22.49 0.91
CA SER A 381 3.46 -23.81 0.30
C SER A 381 3.69 -23.72 -1.20
N ALA A 382 2.94 -22.83 -1.87
CA ALA A 382 3.07 -22.69 -3.32
C ALA A 382 4.47 -22.24 -3.71
N VAL A 383 5.02 -21.25 -3.00
CA VAL A 383 6.33 -20.73 -3.35
C VAL A 383 7.46 -21.65 -2.92
N TYR A 384 7.25 -22.48 -1.89
CA TYR A 384 8.27 -23.48 -1.57
C TYR A 384 8.29 -24.56 -2.64
N PHE A 385 7.12 -25.04 -3.06
CA PHE A 385 7.10 -26.11 -4.05
C PHE A 385 7.42 -25.62 -5.45
N ALA A 386 7.26 -24.33 -5.71
CA ALA A 386 7.66 -23.78 -7.01
C ALA A 386 9.17 -23.62 -7.13
N GLU A 387 9.84 -23.31 -6.02
CA GLU A 387 11.28 -23.09 -6.02
C GLU A 387 12.03 -24.20 -5.29
N ALA A 388 11.48 -25.42 -5.29
CA ALA A 388 12.11 -26.51 -4.56
C ALA A 388 13.33 -27.06 -5.30
N ASP A 389 13.31 -27.05 -6.64
CA ASP A 389 14.39 -27.65 -7.41
C ASP A 389 15.51 -26.67 -7.70
N GLU A 390 16.05 -26.03 -6.67
CA GLU A 390 17.20 -25.16 -6.84
C GLU A 390 18.20 -25.41 -5.71
N ARG A 391 19.48 -25.27 -6.04
CA ARG A 391 20.53 -25.37 -5.04
C ARG A 391 20.75 -24.08 -4.27
N ASP A 392 20.21 -22.97 -4.76
CA ASP A 392 20.34 -21.66 -4.12
C ASP A 392 18.99 -21.14 -3.65
N SER A 393 18.07 -22.06 -3.33
CA SER A 393 16.70 -21.70 -2.95
C SER A 393 16.70 -20.81 -1.72
N GLN A 394 16.13 -19.61 -1.86
CA GLN A 394 16.06 -18.69 -0.72
C GLN A 394 14.99 -19.11 0.28
N PHE A 395 14.13 -20.06 -0.08
CA PHE A 395 13.10 -20.60 0.80
C PHE A 395 13.43 -22.07 1.09
N PRO A 396 14.27 -22.36 2.08
CA PRO A 396 14.62 -23.76 2.35
C PRO A 396 13.44 -24.62 2.74
N SER A 397 12.44 -24.05 3.41
CA SER A 397 11.29 -24.81 3.89
C SER A 397 10.06 -23.92 3.76
N ILE A 398 8.92 -24.43 4.23
CA ILE A 398 7.68 -23.68 4.22
C ILE A 398 7.64 -22.68 5.38
N PRO A 399 8.03 -23.04 6.61
CA PRO A 399 8.09 -22.02 7.67
C PRO A 399 9.04 -20.89 7.36
N ASP A 400 10.14 -21.16 6.65
CA ASP A 400 11.05 -20.09 6.26
C ASP A 400 10.41 -19.13 5.26
N ALA A 401 9.34 -19.53 4.60
CA ALA A 401 8.64 -18.67 3.65
C ALA A 401 7.38 -18.04 4.24
N PHE A 402 7.15 -18.18 5.54
CA PHE A 402 5.99 -17.56 6.16
C PHE A 402 6.11 -16.04 6.15
N PHE A 403 7.24 -15.52 6.61
CA PHE A 403 7.40 -14.08 6.70
C PHE A 403 7.43 -13.43 5.33
N TRP A 404 8.01 -14.10 4.34
CA TRP A 404 7.96 -13.58 2.98
C TRP A 404 6.51 -13.46 2.51
N ALA A 405 5.68 -14.45 2.83
CA ALA A 405 4.28 -14.39 2.45
C ALA A 405 3.56 -13.26 3.16
N VAL A 406 3.82 -13.08 4.46
CA VAL A 406 3.18 -11.99 5.19
C VAL A 406 3.58 -10.65 4.59
N VAL A 407 4.87 -10.49 4.29
CA VAL A 407 5.37 -9.22 3.79
C VAL A 407 4.83 -8.94 2.39
N SER A 408 4.74 -9.97 1.55
CA SER A 408 4.18 -9.78 0.21
C SER A 408 2.69 -9.45 0.27
N MET A 409 1.94 -10.12 1.15
CA MET A 409 0.50 -9.89 1.20
C MET A 409 0.18 -8.49 1.72
N THR A 410 0.92 -8.02 2.73
CA THR A 410 0.74 -6.66 3.20
C THR A 410 1.38 -5.63 2.29
N THR A 411 2.01 -6.06 1.20
CA THR A 411 2.70 -5.18 0.25
C THR A 411 3.79 -4.35 0.94
N VAL A 412 4.38 -4.92 1.99
CA VAL A 412 5.56 -4.30 2.57
C VAL A 412 6.76 -4.50 1.65
N GLY A 413 6.91 -5.69 1.08
CA GLY A 413 7.99 -5.97 0.16
C GLY A 413 9.24 -6.45 0.84
N TYR A 414 9.71 -7.64 0.46
CA TYR A 414 10.90 -8.25 1.04
C TYR A 414 12.19 -7.75 0.41
N GLY A 415 12.15 -6.60 -0.25
CA GLY A 415 13.36 -6.06 -0.83
C GLY A 415 13.68 -6.76 -2.13
N ASP A 416 14.95 -7.12 -2.30
CA ASP A 416 15.42 -7.74 -3.52
C ASP A 416 15.31 -9.25 -3.49
N MET A 417 14.97 -9.84 -2.34
CA MET A 417 14.83 -11.29 -2.25
C MET A 417 13.49 -11.66 -2.89
N VAL A 418 13.59 -12.27 -4.07
CA VAL A 418 12.40 -12.63 -4.86
C VAL A 418 12.59 -14.04 -5.38
N PRO A 419 11.53 -14.77 -5.71
CA PRO A 419 11.69 -16.09 -6.32
C PRO A 419 12.43 -15.99 -7.65
N THR A 420 13.24 -17.00 -7.93
CA THR A 420 14.06 -17.00 -9.14
C THR A 420 13.42 -17.76 -10.30
N THR A 421 12.52 -18.69 -10.02
CA THR A 421 11.90 -19.47 -11.06
C THR A 421 10.75 -18.67 -11.69
N ILE A 422 10.10 -19.25 -12.70
CA ILE A 422 8.93 -18.61 -13.29
C ILE A 422 7.67 -18.92 -12.47
N GLY A 423 7.50 -20.17 -12.05
CA GLY A 423 6.39 -20.49 -11.16
C GLY A 423 6.48 -19.75 -9.85
N GLY A 424 7.70 -19.57 -9.33
CA GLY A 424 7.87 -18.78 -8.13
C GLY A 424 7.42 -17.35 -8.30
N LYS A 425 7.73 -16.75 -9.45
CA LYS A 425 7.32 -15.37 -9.69
C LYS A 425 5.82 -15.26 -9.92
N ILE A 426 5.22 -16.26 -10.56
CA ILE A 426 3.76 -16.27 -10.69
C ILE A 426 3.11 -16.36 -9.32
N VAL A 427 3.65 -17.21 -8.44
CA VAL A 427 3.13 -17.32 -7.08
C VAL A 427 3.31 -16.01 -6.32
N GLY A 428 4.45 -15.34 -6.53
CA GLY A 428 4.67 -14.06 -5.88
C GLY A 428 3.70 -12.99 -6.35
N SER A 429 3.43 -12.95 -7.65
CA SER A 429 2.44 -12.01 -8.18
C SER A 429 1.05 -12.30 -7.61
N LEU A 430 0.67 -13.58 -7.56
CA LEU A 430 -0.61 -13.95 -6.98
C LEU A 430 -0.68 -13.57 -5.51
N CYS A 431 0.43 -13.74 -4.78
CA CYS A 431 0.47 -13.35 -3.38
C CYS A 431 0.29 -11.85 -3.22
N ALA A 432 0.95 -11.06 -4.06
CA ALA A 432 0.81 -9.61 -3.99
C ALA A 432 -0.63 -9.18 -4.27
N ILE A 433 -1.27 -9.81 -5.25
CA ILE A 433 -2.67 -9.47 -5.53
C ILE A 433 -3.57 -9.89 -4.37
N ALA A 434 -3.40 -11.12 -3.90
CA ALA A 434 -4.33 -11.68 -2.91
C ALA A 434 -4.20 -10.98 -1.56
N GLY A 435 -3.02 -10.47 -1.23
CA GLY A 435 -2.89 -9.71 0.00
C GLY A 435 -3.77 -8.47 0.01
N VAL A 436 -3.70 -7.69 -1.06
CA VAL A 436 -4.54 -6.51 -1.19
C VAL A 436 -6.01 -6.92 -1.21
N LEU A 437 -6.31 -7.99 -1.94
CA LEU A 437 -7.68 -8.45 -2.11
C LEU A 437 -8.31 -8.97 -0.81
N THR A 438 -7.51 -9.53 0.10
CA THR A 438 -8.03 -10.15 1.31
C THR A 438 -7.90 -9.30 2.56
N ILE A 439 -6.84 -8.51 2.69
CA ILE A 439 -6.74 -7.59 3.82
C ILE A 439 -7.82 -6.51 3.75
N ALA A 440 -8.17 -6.05 2.55
CA ALA A 440 -9.10 -4.95 2.38
C ALA A 440 -10.56 -5.37 2.50
N LEU A 441 -10.85 -6.64 2.78
CA LEU A 441 -12.24 -7.04 2.95
C LEU A 441 -12.77 -6.73 4.35
N PRO A 442 -12.13 -7.16 5.44
CA PRO A 442 -12.66 -6.85 6.77
C PRO A 442 -12.21 -5.52 7.36
N VAL A 443 -11.37 -4.76 6.67
CA VAL A 443 -10.90 -3.46 7.14
C VAL A 443 -11.98 -2.39 7.01
N PRO A 444 -12.75 -2.33 5.91
CA PRO A 444 -13.79 -1.30 5.82
C PRO A 444 -14.81 -1.34 6.95
N VAL A 445 -15.15 -2.53 7.46
CA VAL A 445 -16.12 -2.57 8.56
C VAL A 445 -15.50 -2.01 9.84
N ILE A 446 -14.21 -2.27 10.04
CA ILE A 446 -13.49 -1.67 11.17
C ILE A 446 -13.46 -0.15 11.04
N VAL A 447 -13.24 0.34 9.81
CA VAL A 447 -13.25 1.78 9.58
C VAL A 447 -14.63 2.35 9.86
N SER A 448 -15.69 1.63 9.48
CA SER A 448 -17.05 2.08 9.76
C SER A 448 -17.31 2.15 11.26
N ASN A 449 -16.85 1.14 12.01
CA ASN A 449 -17.00 1.17 13.46
C ASN A 449 -16.24 2.35 14.06
N PHE A 450 -15.03 2.60 13.56
CA PHE A 450 -14.26 3.73 14.05
C PHE A 450 -14.95 5.06 13.77
N ASN A 451 -15.52 5.20 12.57
CA ASN A 451 -16.24 6.43 12.25
C ASN A 451 -17.48 6.59 13.12
N TYR A 452 -18.18 5.50 13.40
CA TYR A 452 -19.35 5.56 14.27
C TYR A 452 -18.96 6.02 15.67
N PHE A 453 -17.87 5.46 16.21
CA PHE A 453 -17.42 5.84 17.54
C PHE A 453 -16.72 7.19 17.56
N TYR A 454 -16.31 7.72 16.41
CA TYR A 454 -15.60 8.98 16.34
C TYR A 454 -16.51 10.18 16.11
N HIS A 455 -17.59 10.00 15.35
CA HIS A 455 -18.55 11.08 15.12
C HIS A 455 -19.66 11.11 16.16
N ARG A 456 -19.73 10.11 17.04
CA ARG A 456 -20.78 10.08 18.05
C ARG A 456 -20.60 11.16 19.11
N GLU A 457 -19.38 11.69 19.26
CA GLU A 457 -19.16 12.76 20.24
C GLU A 457 -19.90 14.03 19.85
N THR A 458 -19.91 14.39 18.58
CA THR A 458 -20.56 15.62 18.12
C THR A 458 -20.98 15.50 16.67
N ARG B 175 -31.24 -31.69 5.64
CA ARG B 175 -32.38 -31.14 6.34
C ARG B 175 -33.19 -32.23 7.04
N PRO B 176 -34.02 -32.95 6.27
CA PRO B 176 -34.85 -34.00 6.86
C PRO B 176 -33.98 -35.15 7.34
N LEU B 177 -34.21 -35.60 8.57
CA LEU B 177 -33.46 -36.70 9.12
C LEU B 177 -33.84 -38.00 8.40
N PRO B 178 -32.93 -38.98 8.38
CA PRO B 178 -33.26 -40.25 7.71
C PRO B 178 -34.44 -40.97 8.32
N GLU B 179 -34.74 -40.71 9.60
CA GLU B 179 -35.84 -41.30 10.33
C GLU B 179 -35.54 -42.71 10.82
N ASN B 180 -34.31 -43.20 10.63
CA ASN B 180 -33.94 -44.52 11.14
C ASN B 180 -33.72 -44.53 12.64
N GLU B 181 -33.71 -43.37 13.28
CA GLU B 181 -33.50 -43.26 14.72
C GLU B 181 -32.03 -43.45 15.06
N PHE B 182 -31.22 -43.81 14.08
CA PHE B 182 -29.78 -43.88 14.25
C PHE B 182 -29.02 -43.15 13.16
N GLN B 183 -29.50 -43.23 11.90
CA GLN B 183 -28.85 -42.48 10.83
C GLN B 183 -29.10 -40.98 11.00
N ARG B 184 -30.32 -40.61 11.38
CA ARG B 184 -30.62 -39.20 11.62
C ARG B 184 -29.82 -38.66 12.79
N GLN B 185 -29.67 -39.44 13.85
CA GLN B 185 -28.90 -38.99 15.01
C GLN B 185 -27.44 -38.79 14.65
N VAL B 186 -26.87 -39.71 13.87
CA VAL B 186 -25.46 -39.59 13.48
C VAL B 186 -25.29 -38.40 12.54
N TRP B 187 -26.21 -38.21 11.60
CA TRP B 187 -26.13 -37.06 10.69
C TRP B 187 -26.21 -35.75 11.46
N LEU B 188 -27.12 -35.67 12.43
CA LEU B 188 -27.27 -34.44 13.19
C LEU B 188 -26.06 -34.21 14.10
N LEU B 189 -25.42 -35.28 14.56
CA LEU B 189 -24.23 -35.14 15.37
C LEU B 189 -23.05 -34.66 14.55
N PHE B 190 -22.90 -35.16 13.32
CA PHE B 190 -21.74 -34.86 12.49
C PHE B 190 -21.97 -33.73 11.51
N GLU B 191 -23.15 -33.10 11.51
CA GLU B 191 -23.42 -31.99 10.61
C GLU B 191 -23.85 -30.72 11.32
N TYR B 192 -24.45 -30.80 12.50
CA TYR B 192 -24.91 -29.63 13.25
C TYR B 192 -24.16 -29.59 14.57
N PRO B 193 -23.06 -28.84 14.64
CA PRO B 193 -22.30 -28.76 15.89
C PRO B 193 -23.10 -28.21 17.06
N GLU B 194 -24.06 -27.33 16.82
CA GLU B 194 -24.84 -26.73 17.90
C GLU B 194 -25.99 -27.62 18.36
N SER B 195 -26.16 -28.79 17.74
CA SER B 195 -27.28 -29.67 18.09
C SER B 195 -27.18 -30.20 19.52
N SER B 196 -25.98 -30.49 20.01
CA SER B 196 -25.80 -31.05 21.34
C SER B 196 -24.38 -30.77 21.80
N GLY B 197 -24.04 -31.25 22.99
CA GLY B 197 -22.70 -31.14 23.53
C GLY B 197 -21.68 -31.98 22.80
N PRO B 198 -21.98 -33.27 22.59
CA PRO B 198 -21.07 -34.11 21.79
C PRO B 198 -20.83 -33.58 20.40
N ALA B 199 -21.81 -32.91 19.79
CA ALA B 199 -21.59 -32.31 18.48
C ALA B 199 -20.52 -31.22 18.54
N ARG B 200 -20.59 -30.36 19.56
CA ARG B 200 -19.55 -29.35 19.74
C ARG B 200 -18.20 -29.97 20.04
N ILE B 201 -18.17 -31.03 20.84
CA ILE B 201 -16.90 -31.71 21.12
C ILE B 201 -16.31 -32.27 19.84
N ILE B 202 -17.14 -32.88 19.01
CA ILE B 202 -16.66 -33.46 17.75
C ILE B 202 -16.17 -32.36 16.81
N ALA B 203 -16.87 -31.23 16.76
CA ALA B 203 -16.41 -30.12 15.92
C ALA B 203 -15.07 -29.59 16.39
N ILE B 204 -14.88 -29.46 17.71
CA ILE B 204 -13.61 -29.00 18.25
C ILE B 204 -12.50 -30.01 17.91
N VAL B 205 -12.80 -31.30 18.05
CA VAL B 205 -11.81 -32.33 17.73
C VAL B 205 -11.44 -32.27 16.25
N SER B 206 -12.42 -32.06 15.38
CA SER B 206 -12.14 -31.97 13.95
C SER B 206 -11.26 -30.77 13.64
N VAL B 207 -11.55 -29.62 14.27
CA VAL B 207 -10.72 -28.44 14.04
C VAL B 207 -9.31 -28.68 14.52
N MET B 208 -9.16 -29.31 15.69
CA MET B 208 -7.82 -29.60 16.21
C MET B 208 -7.06 -30.56 15.30
N VAL B 209 -7.75 -31.57 14.76
CA VAL B 209 -7.09 -32.51 13.86
C VAL B 209 -6.68 -31.81 12.57
N ILE B 210 -7.52 -30.91 12.05
CA ILE B 210 -7.15 -30.17 10.85
C ILE B 210 -5.93 -29.31 11.10
N LEU B 211 -5.89 -28.62 12.26
CA LEU B 211 -4.74 -27.79 12.58
C LEU B 211 -3.48 -28.63 12.76
N ILE B 212 -3.60 -29.80 13.39
CA ILE B 212 -2.45 -30.68 13.55
C ILE B 212 -1.95 -31.16 12.19
N SER B 213 -2.86 -31.49 11.28
CA SER B 213 -2.46 -31.88 9.94
C SER B 213 -1.74 -30.76 9.22
N ILE B 214 -2.23 -29.52 9.37
CA ILE B 214 -1.56 -28.37 8.77
C ILE B 214 -0.16 -28.20 9.33
N VAL B 215 -0.02 -28.32 10.65
CA VAL B 215 1.30 -28.18 11.28
C VAL B 215 2.24 -29.27 10.79
N SER B 216 1.75 -30.51 10.70
CA SER B 216 2.58 -31.61 10.21
C SER B 216 3.01 -31.38 8.77
N PHE B 217 2.08 -30.91 7.93
CA PHE B 217 2.41 -30.63 6.53
C PHE B 217 3.49 -29.57 6.43
N CYS B 218 3.40 -28.53 7.27
CA CYS B 218 4.40 -27.47 7.22
C CYS B 218 5.75 -27.94 7.76
N LEU B 219 5.74 -28.74 8.82
CA LEU B 219 6.97 -29.18 9.45
C LEU B 219 7.65 -30.35 8.74
N GLU B 220 6.95 -31.02 7.81
CA GLU B 220 7.61 -32.06 7.03
C GLU B 220 8.66 -31.48 6.10
N THR B 221 8.48 -30.24 5.66
CA THR B 221 9.40 -29.61 4.72
C THR B 221 10.60 -28.97 5.40
N LEU B 222 10.65 -28.99 6.73
CA LEU B 222 11.72 -28.33 7.46
C LEU B 222 13.06 -28.98 7.11
N PRO B 223 14.12 -28.19 6.89
CA PRO B 223 15.39 -28.76 6.40
C PRO B 223 16.05 -29.71 7.38
N ILE B 224 15.73 -29.64 8.67
CA ILE B 224 16.33 -30.54 9.66
C ILE B 224 15.88 -31.98 9.49
N PHE B 225 14.64 -32.21 9.06
CA PHE B 225 14.11 -33.56 8.91
C PHE B 225 14.12 -33.98 7.44
N GLN B 244 10.16 -39.88 3.38
CA GLN B 244 10.94 -40.30 2.22
C GLN B 244 11.88 -39.20 1.75
N SER B 245 12.27 -39.24 0.49
CA SER B 245 13.17 -38.25 -0.09
C SER B 245 12.47 -37.26 -1.01
N THR B 246 11.34 -37.63 -1.60
CA THR B 246 10.63 -36.73 -2.51
C THR B 246 9.12 -36.69 -2.27
N ILE B 247 8.61 -37.33 -1.22
CA ILE B 247 7.18 -37.31 -0.94
C ILE B 247 6.85 -36.75 0.44
N GLY B 248 7.81 -36.61 1.34
CA GLY B 248 7.56 -36.09 2.67
C GLY B 248 7.17 -37.11 3.71
N TYR B 249 6.96 -38.36 3.31
CA TYR B 249 6.59 -39.40 4.26
C TYR B 249 7.02 -40.75 3.69
N GLN B 250 7.73 -41.53 4.50
CA GLN B 250 8.21 -42.85 4.08
C GLN B 250 7.29 -43.91 4.67
N GLN B 251 6.66 -44.70 3.80
CA GLN B 251 5.73 -45.73 4.23
C GLN B 251 6.50 -46.97 4.66
N SER B 252 6.21 -47.45 5.87
CA SER B 252 6.85 -48.64 6.39
C SER B 252 5.83 -49.43 7.19
N THR B 253 6.09 -50.74 7.34
CA THR B 253 5.18 -51.58 8.10
C THR B 253 5.13 -51.17 9.57
N SER B 254 6.29 -50.85 10.15
CA SER B 254 6.35 -50.45 11.55
C SER B 254 6.04 -48.97 11.75
N PHE B 255 5.93 -48.19 10.68
CA PHE B 255 5.66 -46.76 10.75
C PHE B 255 6.71 -46.05 11.60
N THR B 256 7.95 -46.09 11.11
CA THR B 256 9.05 -45.47 11.84
C THR B 256 8.94 -43.94 11.83
N ASP B 257 8.53 -43.37 10.71
CA ASP B 257 8.52 -41.92 10.57
C ASP B 257 7.40 -41.32 11.42
N PRO B 258 7.72 -40.42 12.36
CA PRO B 258 6.63 -39.78 13.14
C PRO B 258 5.70 -38.95 12.28
N PHE B 259 6.23 -38.29 11.25
CA PHE B 259 5.37 -37.51 10.36
C PHE B 259 4.42 -38.39 9.59
N PHE B 260 4.88 -39.59 9.18
CA PHE B 260 3.97 -40.54 8.55
C PHE B 260 2.88 -40.97 9.51
N ILE B 261 3.21 -41.17 10.78
CA ILE B 261 2.21 -41.56 11.77
C ILE B 261 1.16 -40.45 11.92
N VAL B 262 1.62 -39.21 12.04
CA VAL B 262 0.67 -38.09 12.20
C VAL B 262 -0.21 -37.96 10.97
N GLU B 263 0.39 -38.04 9.78
CA GLU B 263 -0.38 -37.93 8.55
C GLU B 263 -1.39 -39.06 8.43
N THR B 264 -0.99 -40.28 8.79
CA THR B 264 -1.91 -41.41 8.74
C THR B 264 -3.07 -41.23 9.72
N LEU B 265 -2.78 -40.74 10.93
CA LEU B 265 -3.86 -40.49 11.89
C LEU B 265 -4.83 -39.45 11.37
N CYS B 266 -4.31 -38.35 10.81
CA CYS B 266 -5.17 -37.31 10.27
C CYS B 266 -6.00 -37.82 9.11
N ILE B 267 -5.39 -38.62 8.22
CA ILE B 267 -6.12 -39.15 7.07
C ILE B 267 -7.17 -40.15 7.53
N ILE B 268 -6.87 -40.95 8.56
CA ILE B 268 -7.86 -41.88 9.09
C ILE B 268 -9.04 -41.14 9.65
N TRP B 269 -8.79 -40.07 10.41
CA TRP B 269 -9.91 -39.28 10.93
C TRP B 269 -10.72 -38.64 9.80
N PHE B 270 -10.04 -38.09 8.80
CA PHE B 270 -10.75 -37.47 7.69
C PHE B 270 -11.59 -38.48 6.93
N SER B 271 -11.05 -39.68 6.69
CA SER B 271 -11.78 -40.72 5.99
C SER B 271 -12.97 -41.20 6.80
N PHE B 272 -12.79 -41.36 8.12
CA PHE B 272 -13.91 -41.73 8.97
C PHE B 272 -15.02 -40.70 8.89
N GLU B 273 -14.67 -39.42 9.03
CA GLU B 273 -15.68 -38.37 8.97
C GLU B 273 -16.39 -38.35 7.62
N PHE B 274 -15.63 -38.45 6.53
CA PHE B 274 -16.21 -38.39 5.20
C PHE B 274 -17.12 -39.58 4.94
N LEU B 275 -16.66 -40.79 5.29
CA LEU B 275 -17.49 -41.98 5.08
C LEU B 275 -18.75 -41.93 5.92
N VAL B 276 -18.64 -41.48 7.18
CA VAL B 276 -19.81 -41.42 8.03
C VAL B 276 -20.81 -40.41 7.50
N ARG B 277 -20.33 -39.24 7.05
CA ARG B 277 -21.23 -38.27 6.44
C ARG B 277 -21.87 -38.81 5.18
N PHE B 278 -21.11 -39.52 4.35
CA PHE B 278 -21.66 -40.07 3.12
C PHE B 278 -22.74 -41.11 3.40
N PHE B 279 -22.54 -41.92 4.44
CA PHE B 279 -23.54 -42.94 4.78
C PHE B 279 -24.76 -42.32 5.46
N ALA B 280 -24.56 -41.26 6.24
CA ALA B 280 -25.63 -40.63 7.00
C ALA B 280 -26.32 -39.49 6.26
N CYS B 281 -25.95 -39.23 5.01
CA CYS B 281 -26.59 -38.17 4.26
C CYS B 281 -28.04 -38.54 3.93
N PRO B 282 -28.97 -37.60 4.12
CA PRO B 282 -30.37 -37.91 3.73
C PRO B 282 -30.52 -38.10 2.23
N SER B 283 -29.99 -37.18 1.43
CA SER B 283 -30.03 -37.27 -0.03
C SER B 283 -28.59 -37.40 -0.52
N LYS B 284 -28.21 -38.61 -0.91
CA LYS B 284 -26.85 -38.85 -1.40
C LYS B 284 -26.62 -38.32 -2.80
N ALA B 285 -27.67 -37.92 -3.51
CA ALA B 285 -27.50 -37.38 -4.86
C ALA B 285 -26.82 -36.01 -4.81
N GLY B 286 -27.22 -35.17 -3.88
CA GLY B 286 -26.64 -33.84 -3.73
C GLY B 286 -25.40 -33.79 -2.87
N PHE B 287 -24.93 -34.93 -2.38
CA PHE B 287 -23.72 -34.95 -1.56
C PHE B 287 -22.50 -34.50 -2.35
N PHE B 288 -22.38 -34.95 -3.59
CA PHE B 288 -21.23 -34.60 -4.42
C PHE B 288 -21.37 -33.24 -5.09
N THR B 289 -22.49 -32.54 -4.90
CA THR B 289 -22.63 -31.20 -5.46
C THR B 289 -22.08 -30.14 -4.52
N ASN B 290 -22.08 -30.40 -3.22
CA ASN B 290 -21.60 -29.43 -2.25
C ASN B 290 -20.09 -29.28 -2.35
N ILE B 291 -19.62 -28.03 -2.44
CA ILE B 291 -18.19 -27.78 -2.51
C ILE B 291 -17.49 -28.18 -1.22
N MET B 292 -18.18 -28.01 -0.09
CA MET B 292 -17.62 -28.37 1.22
C MET B 292 -17.37 -29.84 1.36
N ASN B 293 -17.93 -30.69 0.49
CA ASN B 293 -17.60 -32.11 0.46
C ASN B 293 -16.53 -32.45 -0.56
N ILE B 294 -16.48 -31.74 -1.69
CA ILE B 294 -15.39 -31.93 -2.65
C ILE B 294 -14.08 -31.54 -2.02
N ILE B 295 -14.09 -30.51 -1.17
CA ILE B 295 -12.87 -30.14 -0.45
C ILE B 295 -12.43 -31.28 0.46
N ASP B 296 -13.38 -31.95 1.10
CA ASP B 296 -13.10 -33.08 1.96
C ASP B 296 -12.53 -34.27 1.20
N ILE B 297 -13.10 -34.62 0.05
CA ILE B 297 -12.54 -35.71 -0.76
C ILE B 297 -11.15 -35.36 -1.28
N VAL B 298 -10.96 -34.13 -1.77
CA VAL B 298 -9.67 -33.77 -2.36
C VAL B 298 -8.57 -33.69 -1.32
N ALA B 299 -8.93 -33.64 -0.04
CA ALA B 299 -7.92 -33.61 1.02
C ALA B 299 -7.48 -35.01 1.43
N ILE B 300 -8.16 -36.05 0.96
CA ILE B 300 -7.84 -37.42 1.32
C ILE B 300 -7.21 -38.11 0.12
N ILE B 301 -7.44 -37.55 -1.08
CA ILE B 301 -6.93 -38.16 -2.30
C ILE B 301 -5.40 -38.27 -2.32
N PRO B 302 -4.63 -37.22 -2.02
CA PRO B 302 -3.17 -37.34 -2.16
C PRO B 302 -2.55 -38.45 -1.34
N TYR B 303 -3.11 -38.73 -0.16
CA TYR B 303 -2.53 -39.79 0.68
C TYR B 303 -2.68 -41.15 0.03
N PHE B 304 -3.86 -41.46 -0.52
CA PHE B 304 -4.07 -42.79 -1.09
C PHE B 304 -3.34 -42.97 -2.41
N ILE B 305 -3.21 -41.91 -3.20
CA ILE B 305 -2.46 -42.02 -4.46
C ILE B 305 -1.00 -42.36 -4.17
N THR B 306 -0.41 -41.66 -3.18
CA THR B 306 0.98 -41.93 -2.83
C THR B 306 1.16 -43.35 -2.30
N LEU B 307 0.26 -43.81 -1.43
CA LEU B 307 0.36 -45.15 -0.89
C LEU B 307 0.21 -46.20 -1.98
N GLY B 308 -0.73 -46.00 -2.89
CA GLY B 308 -0.90 -46.94 -3.99
C GLY B 308 0.30 -46.97 -4.91
N THR B 309 0.87 -45.80 -5.20
CA THR B 309 2.08 -45.77 -6.02
C THR B 309 3.23 -46.50 -5.33
N GLU B 310 3.39 -46.28 -4.03
CA GLU B 310 4.52 -46.88 -3.32
C GLU B 310 4.34 -48.39 -3.20
N LEU B 311 3.10 -48.85 -2.98
CA LEU B 311 2.84 -50.28 -2.97
C LEU B 311 2.99 -50.91 -4.35
N ALA B 312 2.50 -50.23 -5.38
CA ALA B 312 2.55 -50.75 -6.74
C ALA B 312 3.63 -50.07 -7.56
N SER B 326 7.94 -39.27 -13.42
CA SER B 326 7.20 -39.65 -12.22
C SER B 326 7.62 -38.81 -11.03
N LEU B 327 8.15 -37.62 -11.29
CA LEU B 327 8.58 -36.71 -10.25
C LEU B 327 7.79 -35.41 -10.25
N ALA B 328 7.56 -34.81 -11.42
CA ALA B 328 6.76 -33.60 -11.48
C ALA B 328 5.32 -33.88 -11.04
N ILE B 329 4.76 -35.00 -11.47
CA ILE B 329 3.41 -35.37 -11.06
C ILE B 329 3.36 -35.66 -9.56
N LEU B 330 4.40 -36.29 -9.03
CA LEU B 330 4.45 -36.55 -7.59
C LEU B 330 4.45 -35.25 -6.80
N ARG B 331 5.23 -34.27 -7.24
CA ARG B 331 5.23 -32.98 -6.56
C ARG B 331 3.92 -32.24 -6.75
N VAL B 332 3.27 -32.41 -7.89
CA VAL B 332 1.94 -31.82 -8.10
C VAL B 332 0.95 -32.39 -7.09
N ILE B 333 0.97 -33.72 -6.93
CA ILE B 333 0.11 -34.35 -5.94
C ILE B 333 0.43 -33.85 -4.54
N ARG B 334 1.72 -33.71 -4.23
CA ARG B 334 2.12 -33.21 -2.92
C ARG B 334 1.61 -31.80 -2.68
N LEU B 335 1.60 -30.97 -3.72
CA LEU B 335 1.11 -29.60 -3.56
C LEU B 335 -0.39 -29.56 -3.30
N VAL B 336 -1.14 -30.55 -3.80
CA VAL B 336 -2.58 -30.60 -3.54
C VAL B 336 -2.85 -30.86 -2.07
N ARG B 337 -1.85 -31.35 -1.33
CA ARG B 337 -2.06 -31.60 0.09
C ARG B 337 -2.39 -30.31 0.85
N VAL B 338 -1.91 -29.16 0.36
CA VAL B 338 -2.17 -27.90 1.06
C VAL B 338 -3.63 -27.48 0.98
N PHE B 339 -4.41 -28.09 0.09
CA PHE B 339 -5.81 -27.71 -0.04
C PHE B 339 -6.66 -28.20 1.10
N ARG B 340 -6.11 -28.90 2.08
CA ARG B 340 -6.88 -29.35 3.23
C ARG B 340 -7.01 -28.27 4.29
N ILE B 341 -6.32 -27.15 4.14
CA ILE B 341 -6.55 -26.00 5.01
C ILE B 341 -7.94 -25.43 4.79
N PHE B 342 -8.53 -25.68 3.61
CA PHE B 342 -9.88 -25.23 3.31
C PHE B 342 -10.94 -26.06 4.01
N LYS B 343 -10.58 -27.17 4.66
CA LYS B 343 -11.54 -27.90 5.47
C LYS B 343 -11.97 -27.12 6.69
N LEU B 344 -11.25 -26.04 7.04
CA LEU B 344 -11.69 -25.15 8.11
C LEU B 344 -12.93 -24.37 7.72
N SER B 345 -13.27 -24.32 6.44
CA SER B 345 -14.46 -23.61 6.01
C SER B 345 -15.72 -24.24 6.58
N ARG B 346 -15.69 -25.55 6.83
CA ARG B 346 -16.83 -26.21 7.46
C ARG B 346 -17.10 -25.66 8.85
N HIS B 347 -16.05 -25.26 9.57
CA HIS B 347 -16.18 -24.78 10.93
C HIS B 347 -16.01 -23.27 11.07
N SER B 348 -15.65 -22.56 10.01
CA SER B 348 -15.47 -21.12 10.05
C SER B 348 -16.48 -20.46 9.11
N LYS B 349 -17.33 -19.60 9.66
CA LYS B 349 -18.29 -18.88 8.84
C LYS B 349 -17.63 -17.77 8.02
N GLY B 350 -16.54 -17.20 8.52
CA GLY B 350 -15.82 -16.20 7.73
C GLY B 350 -15.26 -16.78 6.44
N LEU B 351 -14.75 -18.01 6.51
CA LEU B 351 -14.23 -18.66 5.31
C LEU B 351 -15.35 -18.94 4.31
N GLN B 352 -16.52 -19.36 4.79
CA GLN B 352 -17.65 -19.56 3.90
C GLN B 352 -18.10 -18.25 3.27
N ILE B 353 -18.09 -17.17 4.05
CA ILE B 353 -18.46 -15.87 3.51
C ILE B 353 -17.46 -15.43 2.44
N LEU B 354 -16.17 -15.69 2.68
CA LEU B 354 -15.17 -15.39 1.67
C LEU B 354 -15.39 -16.21 0.40
N GLY B 355 -15.75 -17.48 0.56
CA GLY B 355 -16.05 -18.30 -0.61
C GLY B 355 -17.24 -17.78 -1.39
N GLN B 356 -18.30 -17.37 -0.69
CA GLN B 356 -19.45 -16.79 -1.37
C GLN B 356 -19.07 -15.49 -2.08
N THR B 357 -18.24 -14.67 -1.43
CA THR B 357 -17.81 -13.42 -2.05
C THR B 357 -17.02 -13.68 -3.33
N LEU B 358 -16.10 -14.64 -3.28
CA LEU B 358 -15.32 -14.98 -4.48
C LEU B 358 -16.21 -15.57 -5.58
N LYS B 359 -17.19 -16.39 -5.21
CA LYS B 359 -18.10 -16.92 -6.22
C LYS B 359 -18.91 -15.81 -6.87
N ALA B 360 -19.36 -14.83 -6.08
CA ALA B 360 -20.18 -13.75 -6.60
C ALA B 360 -19.37 -12.67 -7.31
N SER B 361 -18.05 -12.65 -7.15
CA SER B 361 -17.21 -11.63 -7.73
C SER B 361 -16.22 -12.18 -8.75
N MET B 362 -16.59 -13.25 -9.46
CA MET B 362 -15.69 -13.83 -10.45
C MET B 362 -15.37 -12.86 -11.58
N ARG B 363 -16.36 -12.12 -12.08
CA ARG B 363 -16.11 -11.14 -13.13
C ARG B 363 -15.17 -10.05 -12.64
N GLU B 364 -15.33 -9.62 -11.39
CA GLU B 364 -14.46 -8.58 -10.85
C GLU B 364 -13.03 -9.06 -10.71
N LEU B 365 -12.82 -10.30 -10.28
CA LEU B 365 -11.47 -10.85 -10.23
C LEU B 365 -10.88 -10.95 -11.63
N GLY B 366 -11.70 -11.38 -12.59
CA GLY B 366 -11.23 -11.45 -13.97
C GLY B 366 -10.81 -10.09 -14.49
N LEU B 367 -11.60 -9.05 -14.20
CA LEU B 367 -11.24 -7.71 -14.63
C LEU B 367 -9.97 -7.23 -13.94
N LEU B 368 -9.81 -7.53 -12.64
CA LEU B 368 -8.60 -7.13 -11.94
C LEU B 368 -7.37 -7.78 -12.58
N ILE B 369 -7.44 -9.09 -12.86
CA ILE B 369 -6.31 -9.77 -13.47
C ILE B 369 -6.05 -9.24 -14.88
N PHE B 370 -7.11 -8.98 -15.64
CA PHE B 370 -6.94 -8.47 -17.00
C PHE B 370 -6.31 -7.09 -17.00
N PHE B 371 -6.76 -6.20 -16.11
CA PHE B 371 -6.18 -4.87 -16.01
C PHE B 371 -4.73 -4.94 -15.57
N LEU B 372 -4.42 -5.82 -14.62
CA LEU B 372 -3.03 -6.00 -14.21
C LEU B 372 -2.18 -6.49 -15.38
N PHE B 373 -2.72 -7.40 -16.18
CA PHE B 373 -1.99 -7.91 -17.33
C PHE B 373 -1.72 -6.80 -18.34
N ILE B 374 -2.73 -5.97 -18.62
CA ILE B 374 -2.55 -4.85 -19.53
C ILE B 374 -1.46 -3.91 -19.02
N GLY B 375 -1.57 -3.52 -17.75
CA GLY B 375 -0.59 -2.60 -17.19
C GLY B 375 0.80 -3.19 -17.16
N VAL B 376 0.91 -4.48 -16.82
CA VAL B 376 2.21 -5.13 -16.72
C VAL B 376 2.89 -5.16 -18.09
N ILE B 377 2.15 -5.54 -19.13
CA ILE B 377 2.78 -5.58 -20.45
C ILE B 377 3.16 -4.18 -20.90
N LEU B 378 2.25 -3.21 -20.72
CA LEU B 378 2.54 -1.85 -21.16
C LEU B 378 3.79 -1.29 -20.47
N PHE B 379 3.84 -1.39 -19.14
CA PHE B 379 4.94 -0.78 -18.41
C PHE B 379 6.22 -1.60 -18.54
N SER B 380 6.12 -2.92 -18.73
CA SER B 380 7.31 -3.71 -19.01
C SER B 380 7.92 -3.30 -20.33
N SER B 381 7.11 -3.11 -21.36
CA SER B 381 7.63 -2.64 -22.64
C SER B 381 8.26 -1.26 -22.49
N ALA B 382 7.58 -0.35 -21.78
CA ALA B 382 8.10 1.00 -21.61
C ALA B 382 9.43 1.00 -20.87
N VAL B 383 9.54 0.21 -19.81
CA VAL B 383 10.77 0.21 -19.02
C VAL B 383 11.88 -0.58 -19.71
N TYR B 384 11.56 -1.54 -20.57
CA TYR B 384 12.60 -2.19 -21.35
C TYR B 384 13.15 -1.24 -22.39
N PHE B 385 12.28 -0.53 -23.11
CA PHE B 385 12.75 0.37 -24.15
C PHE B 385 13.36 1.64 -23.59
N ALA B 386 13.04 2.01 -22.35
CA ALA B 386 13.68 3.16 -21.74
C ALA B 386 15.09 2.84 -21.24
N GLU B 387 15.33 1.59 -20.84
CA GLU B 387 16.63 1.18 -20.30
C GLU B 387 17.33 0.19 -21.21
N ALA B 388 17.03 0.21 -22.52
CA ALA B 388 17.64 -0.74 -23.43
C ALA B 388 19.08 -0.39 -23.75
N ASP B 389 19.41 0.90 -23.79
CA ASP B 389 20.75 1.34 -24.22
C ASP B 389 21.73 1.41 -23.06
N GLU B 390 21.86 0.32 -22.29
CA GLU B 390 22.86 0.21 -21.26
C GLU B 390 23.47 -1.18 -21.27
N ARG B 391 24.70 -1.27 -20.77
CA ARG B 391 25.39 -2.54 -20.67
C ARG B 391 25.03 -3.31 -19.40
N ASP B 392 24.59 -2.62 -18.36
CA ASP B 392 24.22 -3.24 -17.09
C ASP B 392 22.71 -3.20 -16.84
N SER B 393 21.94 -3.23 -17.93
CA SER B 393 20.48 -3.16 -17.84
C SER B 393 19.93 -4.32 -17.02
N GLN B 394 19.29 -4.00 -15.90
CA GLN B 394 18.70 -5.03 -15.06
C GLN B 394 17.48 -5.67 -15.70
N PHE B 395 16.96 -5.09 -16.79
CA PHE B 395 15.84 -5.63 -17.55
C PHE B 395 16.34 -6.04 -18.92
N PRO B 396 16.92 -7.23 -19.06
CA PRO B 396 17.46 -7.64 -20.37
C PRO B 396 16.40 -7.73 -21.46
N SER B 397 15.17 -8.09 -21.11
CA SER B 397 14.11 -8.26 -22.10
C SER B 397 12.81 -7.78 -21.48
N ILE B 398 11.71 -7.97 -22.20
CA ILE B 398 10.39 -7.57 -21.73
C ILE B 398 9.84 -8.59 -20.74
N PRO B 399 9.93 -9.91 -21.00
CA PRO B 399 9.51 -10.85 -19.96
C PRO B 399 10.29 -10.72 -18.66
N ASP B 400 11.56 -10.33 -18.73
CA ASP B 400 12.35 -10.11 -17.52
C ASP B 400 11.82 -8.94 -16.70
N ALA B 401 11.07 -8.02 -17.32
CA ALA B 401 10.49 -6.89 -16.63
C ALA B 401 9.04 -7.11 -16.23
N PHE B 402 8.51 -8.31 -16.42
CA PHE B 402 7.13 -8.58 -16.04
C PHE B 402 6.96 -8.52 -14.53
N PHE B 403 7.81 -9.25 -13.80
CA PHE B 403 7.68 -9.30 -12.34
C PHE B 403 7.96 -7.95 -11.71
N TRP B 404 8.92 -7.19 -12.24
CA TRP B 404 9.14 -5.84 -11.75
C TRP B 404 7.89 -4.99 -11.93
N ALA B 405 7.21 -5.13 -13.07
CA ALA B 405 5.97 -4.38 -13.28
C ALA B 405 4.88 -4.80 -12.30
N VAL B 406 4.74 -6.11 -12.06
CA VAL B 406 3.73 -6.57 -11.11
C VAL B 406 4.03 -6.02 -9.73
N VAL B 407 5.30 -6.07 -9.33
CA VAL B 407 5.68 -5.65 -7.98
C VAL B 407 5.51 -4.14 -7.81
N SER B 408 5.86 -3.36 -8.83
CA SER B 408 5.67 -1.92 -8.75
C SER B 408 4.19 -1.56 -8.73
N MET B 409 3.38 -2.24 -9.55
CA MET B 409 1.96 -1.91 -9.60
C MET B 409 1.26 -2.22 -8.28
N THR B 410 1.58 -3.35 -7.66
CA THR B 410 1.02 -3.69 -6.36
C THR B 410 1.68 -2.92 -5.22
N THR B 411 2.68 -2.09 -5.53
CA THR B 411 3.43 -1.33 -4.53
C THR B 411 4.10 -2.23 -3.51
N VAL B 412 4.42 -3.46 -3.93
CA VAL B 412 5.25 -4.31 -3.09
C VAL B 412 6.68 -3.78 -3.04
N GLY B 413 7.21 -3.34 -4.17
CA GLY B 413 8.54 -2.77 -4.21
C GLY B 413 9.61 -3.80 -4.47
N TYR B 414 10.40 -3.60 -5.53
CA TYR B 414 11.45 -4.53 -5.91
C TYR B 414 12.77 -4.24 -5.21
N GLY B 415 12.71 -3.57 -4.06
CA GLY B 415 13.94 -3.29 -3.32
C GLY B 415 14.73 -2.20 -4.00
N ASP B 416 16.04 -2.43 -4.12
CA ASP B 416 16.95 -1.44 -4.68
C ASP B 416 17.09 -1.58 -6.19
N MET B 417 16.52 -2.61 -6.79
CA MET B 417 16.61 -2.81 -8.24
C MET B 417 15.63 -1.84 -8.89
N VAL B 418 16.16 -0.72 -9.36
CA VAL B 418 15.34 0.35 -9.94
C VAL B 418 15.94 0.74 -11.29
N PRO B 419 15.16 1.31 -12.20
CA PRO B 419 15.73 1.78 -13.48
C PRO B 419 16.79 2.84 -13.24
N THR B 420 17.82 2.82 -14.10
CA THR B 420 18.94 3.74 -13.94
C THR B 420 18.83 4.99 -14.81
N THR B 421 18.07 4.94 -15.90
CA THR B 421 17.94 6.07 -16.79
C THR B 421 16.95 7.08 -16.21
N ILE B 422 16.78 8.20 -16.89
CA ILE B 422 15.73 9.15 -16.50
C ILE B 422 14.38 8.71 -17.03
N GLY B 423 14.31 8.29 -18.29
CA GLY B 423 13.08 7.75 -18.82
C GLY B 423 12.64 6.50 -18.09
N GLY B 424 13.60 5.66 -17.69
CA GLY B 424 13.26 4.49 -16.89
C GLY B 424 12.63 4.86 -15.56
N LYS B 425 13.15 5.90 -14.91
CA LYS B 425 12.58 6.32 -13.63
C LYS B 425 11.21 6.98 -13.83
N ILE B 426 11.02 7.71 -14.92
CA ILE B 426 9.70 8.25 -15.22
C ILE B 426 8.69 7.12 -15.43
N VAL B 427 9.11 6.07 -16.15
CA VAL B 427 8.23 4.93 -16.37
C VAL B 427 7.95 4.22 -15.05
N GLY B 428 8.95 4.11 -14.18
CA GLY B 428 8.72 3.49 -12.88
C GLY B 428 7.75 4.28 -12.02
N SER B 429 7.87 5.61 -12.02
CA SER B 429 6.92 6.44 -11.30
C SER B 429 5.52 6.29 -11.85
N LEU B 430 5.38 6.28 -13.18
CA LEU B 430 4.08 6.08 -13.78
C LEU B 430 3.51 4.71 -13.43
N CYS B 431 4.36 3.68 -13.39
CA CYS B 431 3.91 2.35 -12.99
C CYS B 431 3.41 2.34 -11.57
N ALA B 432 4.14 2.99 -10.66
CA ALA B 432 3.72 3.05 -9.27
C ALA B 432 2.37 3.75 -9.12
N ILE B 433 2.17 4.84 -9.86
CA ILE B 433 0.87 5.53 -9.81
C ILE B 433 -0.22 4.64 -10.39
N ALA B 434 0.03 4.04 -11.56
CA ALA B 434 -1.02 3.34 -12.28
C ALA B 434 -1.43 2.06 -11.59
N GLY B 435 -0.52 1.43 -10.84
CA GLY B 435 -0.90 0.25 -10.09
C GLY B 435 -1.95 0.56 -9.04
N VAL B 436 -1.72 1.61 -8.26
CA VAL B 436 -2.72 2.05 -7.28
C VAL B 436 -4.00 2.47 -7.98
N LEU B 437 -3.86 3.20 -9.08
CA LEU B 437 -5.01 3.70 -9.83
C LEU B 437 -5.87 2.60 -10.44
N THR B 438 -5.29 1.46 -10.81
CA THR B 438 -6.01 0.41 -11.51
C THR B 438 -6.41 -0.77 -10.64
N ILE B 439 -5.61 -1.14 -9.64
CA ILE B 439 -6.03 -2.20 -8.73
C ILE B 439 -7.22 -1.77 -7.89
N ALA B 440 -7.29 -0.49 -7.51
CA ALA B 440 -8.35 0.00 -6.64
C ALA B 440 -9.66 0.27 -7.36
N LEU B 441 -9.75 -0.01 -8.66
CA LEU B 441 -11.02 0.20 -9.36
C LEU B 441 -11.98 -0.97 -9.15
N PRO B 442 -11.61 -2.22 -9.42
CA PRO B 442 -12.56 -3.33 -9.21
C PRO B 442 -12.56 -3.93 -7.82
N VAL B 443 -11.70 -3.47 -6.91
CA VAL B 443 -11.65 -3.98 -5.55
C VAL B 443 -12.84 -3.49 -4.72
N PRO B 444 -13.25 -2.22 -4.81
CA PRO B 444 -14.40 -1.78 -4.00
C PRO B 444 -15.67 -2.57 -4.24
N VAL B 445 -15.92 -3.03 -5.47
CA VAL B 445 -17.13 -3.82 -5.70
C VAL B 445 -17.01 -5.18 -5.01
N ILE B 446 -15.80 -5.75 -5.00
CA ILE B 446 -15.57 -6.99 -4.27
C ILE B 446 -15.78 -6.78 -2.79
N VAL B 447 -15.33 -5.65 -2.26
CA VAL B 447 -15.53 -5.34 -0.85
C VAL B 447 -17.03 -5.18 -0.55
N SER B 448 -17.76 -4.55 -1.48
CA SER B 448 -19.21 -4.42 -1.30
C SER B 448 -19.89 -5.77 -1.28
N ASN B 449 -19.49 -6.68 -2.18
CA ASN B 449 -20.06 -8.03 -2.17
C ASN B 449 -19.74 -8.73 -0.86
N PHE B 450 -18.50 -8.59 -0.37
CA PHE B 450 -18.13 -9.22 0.89
C PHE B 450 -18.94 -8.66 2.04
N ASN B 451 -19.17 -7.35 2.06
CA ASN B 451 -19.97 -6.76 3.12
C ASN B 451 -21.42 -7.23 3.06
N TYR B 452 -21.96 -7.37 1.84
CA TYR B 452 -23.31 -7.89 1.69
C TYR B 452 -23.42 -9.31 2.22
N PHE B 453 -22.44 -10.16 1.89
CA PHE B 453 -22.46 -11.54 2.36
C PHE B 453 -22.08 -11.67 3.82
N TYR B 454 -21.45 -10.66 4.41
CA TYR B 454 -21.01 -10.69 5.80
C TYR B 454 -22.04 -10.15 6.76
N HIS B 455 -22.81 -9.14 6.36
CA HIS B 455 -23.89 -8.60 7.18
C HIS B 455 -25.21 -9.32 6.93
N ARG B 456 -25.29 -10.16 5.91
CA ARG B 456 -26.49 -10.96 5.68
C ARG B 456 -26.66 -12.05 6.72
N GLU B 457 -25.56 -12.53 7.30
CA GLU B 457 -25.66 -13.54 8.36
C GLU B 457 -26.36 -12.99 9.60
N THR B 458 -26.07 -11.75 9.97
CA THR B 458 -26.70 -11.13 11.14
C THR B 458 -28.16 -10.83 10.87
N ARG C 175 -26.53 1.89 -35.08
CA ARG C 175 -27.35 0.73 -35.38
C ARG C 175 -27.83 0.77 -36.82
N PRO C 176 -27.37 1.77 -37.57
CA PRO C 176 -27.80 1.88 -38.98
C PRO C 176 -27.13 0.80 -39.83
N LEU C 177 -27.95 0.02 -40.52
CA LEU C 177 -27.42 -1.01 -41.41
C LEU C 177 -26.90 -0.37 -42.70
N PRO C 178 -25.96 -1.04 -43.37
CA PRO C 178 -25.45 -0.47 -44.64
C PRO C 178 -26.52 -0.33 -45.70
N GLU C 179 -27.50 -1.22 -45.73
CA GLU C 179 -28.63 -1.19 -46.65
C GLU C 179 -28.30 -1.67 -48.06
N ASN C 180 -27.05 -2.05 -48.34
CA ASN C 180 -26.68 -2.55 -49.64
C ASN C 180 -27.05 -4.02 -49.85
N GLU C 181 -27.46 -4.71 -48.79
CA GLU C 181 -27.83 -6.12 -48.87
C GLU C 181 -26.60 -7.01 -48.97
N PHE C 182 -25.44 -6.41 -49.14
CA PHE C 182 -24.15 -7.11 -49.10
C PHE C 182 -23.17 -6.45 -48.16
N GLN C 183 -23.13 -5.12 -48.10
CA GLN C 183 -22.31 -4.44 -47.12
C GLN C 183 -22.86 -4.65 -45.72
N ARG C 184 -24.18 -4.76 -45.60
CA ARG C 184 -24.80 -5.01 -44.30
C ARG C 184 -24.37 -6.35 -43.73
N GLN C 185 -24.32 -7.38 -44.58
CA GLN C 185 -23.96 -8.71 -44.11
C GLN C 185 -22.53 -8.74 -43.55
N VAL C 186 -21.59 -8.09 -44.25
CA VAL C 186 -20.22 -8.06 -43.77
C VAL C 186 -20.09 -7.19 -42.53
N TRP C 187 -20.78 -6.04 -42.52
CA TRP C 187 -20.69 -5.14 -41.38
C TRP C 187 -21.24 -5.78 -40.12
N LEU C 188 -22.37 -6.47 -40.23
CA LEU C 188 -22.97 -7.11 -39.07
C LEU C 188 -22.11 -8.29 -38.59
N LEU C 189 -21.43 -8.95 -39.52
CA LEU C 189 -20.54 -10.04 -39.13
C LEU C 189 -19.30 -9.53 -38.40
N PHE C 190 -18.75 -8.40 -38.86
CA PHE C 190 -17.50 -7.88 -38.32
C PHE C 190 -17.69 -6.81 -37.26
N GLU C 191 -18.93 -6.49 -36.89
CA GLU C 191 -19.18 -5.53 -35.82
C GLU C 191 -20.06 -6.05 -34.70
N TYR C 192 -20.93 -7.01 -34.96
CA TYR C 192 -21.82 -7.57 -33.94
C TYR C 192 -21.49 -9.05 -33.79
N PRO C 193 -20.60 -9.40 -32.86
CA PRO C 193 -20.28 -10.82 -32.66
C PRO C 193 -21.49 -11.66 -32.28
N GLU C 194 -22.44 -11.10 -31.53
CA GLU C 194 -23.61 -11.84 -31.10
C GLU C 194 -24.67 -11.97 -32.18
N SER C 195 -24.46 -11.35 -33.35
CA SER C 195 -25.43 -11.41 -34.42
C SER C 195 -25.63 -12.82 -34.95
N SER C 196 -24.59 -13.66 -34.92
CA SER C 196 -24.68 -15.03 -35.43
C SER C 196 -23.57 -15.84 -34.80
N GLY C 197 -23.41 -17.08 -35.27
CA GLY C 197 -22.35 -17.95 -34.83
C GLY C 197 -21.01 -17.62 -35.47
N PRO C 198 -20.98 -17.52 -36.80
CA PRO C 198 -19.72 -17.11 -37.46
C PRO C 198 -19.18 -15.78 -36.98
N ALA C 199 -20.05 -14.85 -36.58
CA ALA C 199 -19.57 -13.59 -36.03
C ALA C 199 -18.78 -13.81 -34.74
N ARG C 200 -19.30 -14.66 -33.85
CA ARG C 200 -18.57 -14.98 -32.63
C ARG C 200 -17.29 -15.75 -32.92
N ILE C 201 -17.31 -16.65 -33.91
CA ILE C 201 -16.09 -17.36 -34.29
C ILE C 201 -15.04 -16.37 -34.77
N ILE C 202 -15.44 -15.40 -35.59
CA ILE C 202 -14.52 -14.39 -36.09
C ILE C 202 -13.98 -13.54 -34.95
N ALA C 203 -14.84 -13.16 -33.99
CA ALA C 203 -14.37 -12.38 -32.85
C ALA C 203 -13.35 -13.16 -32.03
N ILE C 204 -13.60 -14.45 -31.82
CA ILE C 204 -12.64 -15.29 -31.09
C ILE C 204 -11.33 -15.38 -31.85
N VAL C 205 -11.40 -15.55 -33.18
CA VAL C 205 -10.19 -15.62 -33.98
C VAL C 205 -9.40 -14.31 -33.89
N SER C 206 -10.10 -13.18 -33.92
CA SER C 206 -9.44 -11.89 -33.81
C SER C 206 -8.75 -11.73 -32.46
N VAL C 207 -9.42 -12.16 -31.39
CA VAL C 207 -8.81 -12.08 -30.07
C VAL C 207 -7.57 -12.96 -30.00
N MET C 208 -7.65 -14.16 -30.57
CA MET C 208 -6.49 -15.05 -30.59
C MET C 208 -5.33 -14.46 -31.39
N VAL C 209 -5.64 -13.82 -32.51
CA VAL C 209 -4.60 -13.18 -33.32
C VAL C 209 -3.96 -12.03 -32.55
N ILE C 210 -4.77 -11.24 -31.85
CA ILE C 210 -4.23 -10.14 -31.06
C ILE C 210 -3.31 -10.67 -29.97
N LEU C 211 -3.72 -11.73 -29.28
CA LEU C 211 -2.90 -12.31 -28.22
C LEU C 211 -1.61 -12.90 -28.79
N ILE C 212 -1.68 -13.54 -29.97
CA ILE C 212 -0.47 -14.07 -30.60
C ILE C 212 0.48 -12.95 -30.97
N SER C 213 -0.06 -11.84 -31.49
CA SER C 213 0.79 -10.69 -31.81
C SER C 213 1.44 -10.12 -30.56
N ILE C 214 0.70 -10.06 -29.44
CA ILE C 214 1.27 -9.59 -28.19
C ILE C 214 2.40 -10.50 -27.73
N VAL C 215 2.18 -11.82 -27.81
CA VAL C 215 3.21 -12.78 -27.40
C VAL C 215 4.45 -12.64 -28.28
N SER C 216 4.25 -12.47 -29.58
CA SER C 216 5.37 -12.29 -30.49
C SER C 216 6.14 -11.02 -30.18
N PHE C 217 5.42 -9.93 -29.89
CA PHE C 217 6.08 -8.68 -29.54
C PHE C 217 6.91 -8.83 -28.27
N CYS C 218 6.37 -9.54 -27.28
CA CYS C 218 7.12 -9.71 -26.03
C CYS C 218 8.31 -10.63 -26.21
N LEU C 219 8.17 -11.68 -27.02
CA LEU C 219 9.23 -12.67 -27.20
C LEU C 219 10.27 -12.26 -28.24
N GLU C 220 10.02 -11.20 -29.00
CA GLU C 220 11.05 -10.72 -29.93
C GLU C 220 12.26 -10.15 -29.19
N THR C 221 12.05 -9.62 -27.99
CA THR C 221 13.12 -9.02 -27.22
C THR C 221 13.93 -10.02 -26.42
N LEU C 222 13.47 -11.26 -26.34
CA LEU C 222 14.18 -12.28 -25.58
C LEU C 222 15.48 -12.66 -26.30
N PRO C 223 16.63 -12.61 -25.62
CA PRO C 223 17.89 -12.95 -26.30
C PRO C 223 18.04 -14.42 -26.62
N ILE C 224 17.33 -15.31 -25.93
CA ILE C 224 17.45 -16.75 -26.17
C ILE C 224 16.88 -17.18 -27.51
N PHE C 225 15.72 -16.65 -27.90
CA PHE C 225 15.11 -17.02 -29.17
C PHE C 225 15.09 -15.75 -30.04
N GLN C 244 17.54 -5.75 -38.00
CA GLN C 244 17.31 -6.70 -36.92
C GLN C 244 18.07 -6.30 -35.67
N SER C 245 18.74 -5.14 -35.71
CA SER C 245 19.50 -4.63 -34.58
C SER C 245 18.72 -3.65 -33.72
N THR C 246 17.77 -2.93 -34.30
CA THR C 246 16.97 -1.98 -33.53
C THR C 246 15.48 -2.20 -33.68
N ILE C 247 15.03 -3.19 -34.44
CA ILE C 247 13.61 -3.47 -34.60
C ILE C 247 13.20 -4.84 -34.08
N GLY C 248 14.11 -5.79 -33.91
CA GLY C 248 13.78 -7.09 -33.38
C GLY C 248 13.35 -8.11 -34.41
N TYR C 249 13.22 -7.73 -35.67
CA TYR C 249 12.84 -8.66 -36.72
C TYR C 249 13.46 -8.20 -38.03
N GLN C 250 14.04 -9.15 -38.77
CA GLN C 250 14.70 -8.85 -40.03
C GLN C 250 13.77 -9.23 -41.18
N GLN C 251 13.46 -8.25 -42.03
CA GLN C 251 12.59 -8.49 -43.17
C GLN C 251 13.43 -9.05 -44.33
N SER C 252 13.07 -10.23 -44.79
CA SER C 252 13.78 -10.88 -45.87
C SER C 252 12.79 -11.66 -46.73
N THR C 253 13.17 -11.91 -47.98
CA THR C 253 12.31 -12.66 -48.89
C THR C 253 12.11 -14.08 -48.39
N SER C 254 13.18 -14.72 -47.90
CA SER C 254 13.08 -16.09 -47.41
C SER C 254 12.29 -16.21 -46.13
N PHE C 255 12.07 -15.11 -45.41
CA PHE C 255 11.34 -15.11 -44.13
C PHE C 255 11.96 -16.10 -43.16
N THR C 256 13.27 -15.96 -42.96
CA THR C 256 13.98 -16.86 -42.05
C THR C 256 13.49 -16.70 -40.62
N ASP C 257 13.25 -15.47 -40.19
CA ASP C 257 12.85 -15.23 -38.81
C ASP C 257 11.41 -15.69 -38.60
N PRO C 258 11.15 -16.61 -37.68
CA PRO C 258 9.75 -16.96 -37.38
C PRO C 258 8.97 -15.78 -36.85
N PHE C 259 9.61 -14.91 -36.09
CA PHE C 259 8.92 -13.74 -35.54
C PHE C 259 8.46 -12.80 -36.64
N PHE C 260 9.26 -12.64 -37.69
CA PHE C 260 8.83 -11.85 -38.83
C PHE C 260 7.59 -12.45 -39.49
N ILE C 261 7.56 -13.78 -39.62
CA ILE C 261 6.41 -14.44 -40.22
C ILE C 261 5.17 -14.21 -39.37
N VAL C 262 5.31 -14.37 -38.05
CA VAL C 262 4.17 -14.18 -37.15
C VAL C 262 3.67 -12.75 -37.20
N GLU C 263 4.60 -11.78 -37.17
CA GLU C 263 4.22 -10.38 -37.23
C GLU C 263 3.54 -10.04 -38.54
N THR C 264 4.05 -10.59 -39.65
CA THR C 264 3.43 -10.34 -40.95
C THR C 264 2.02 -10.91 -41.00
N LEU C 265 1.83 -12.12 -40.46
CA LEU C 265 0.50 -12.71 -40.45
C LEU C 265 -0.46 -11.88 -39.61
N CYS C 266 -0.02 -11.43 -38.44
CA CYS C 266 -0.87 -10.61 -37.59
C CYS C 266 -1.21 -9.29 -38.25
N ILE C 267 -0.23 -8.66 -38.91
CA ILE C 267 -0.48 -7.40 -39.59
C ILE C 267 -1.42 -7.59 -40.77
N ILE C 268 -1.29 -8.70 -41.48
CA ILE C 268 -2.20 -8.99 -42.59
C ILE C 268 -3.62 -9.14 -42.08
N TRP C 269 -3.80 -9.87 -40.98
CA TRP C 269 -5.13 -10.02 -40.41
C TRP C 269 -5.70 -8.67 -39.96
N PHE C 270 -4.87 -7.86 -39.29
CA PHE C 270 -5.34 -6.56 -38.81
C PHE C 270 -5.73 -5.66 -39.98
N SER C 271 -4.91 -5.65 -41.05
CA SER C 271 -5.22 -4.85 -42.21
C SER C 271 -6.49 -5.34 -42.91
N PHE C 272 -6.67 -6.65 -43.00
CA PHE C 272 -7.91 -7.18 -43.56
C PHE C 272 -9.12 -6.71 -42.77
N GLU C 273 -9.06 -6.85 -41.44
CA GLU C 273 -10.18 -6.43 -40.61
C GLU C 273 -10.46 -4.94 -40.75
N PHE C 274 -9.40 -4.13 -40.71
CA PHE C 274 -9.59 -2.68 -40.79
C PHE C 274 -10.14 -2.27 -42.14
N LEU C 275 -9.60 -2.82 -43.23
CA LEU C 275 -10.06 -2.45 -44.55
C LEU C 275 -11.51 -2.88 -44.76
N VAL C 276 -11.87 -4.08 -44.30
CA VAL C 276 -13.24 -4.55 -44.47
C VAL C 276 -14.20 -3.70 -43.66
N ARG C 277 -13.83 -3.35 -42.42
CA ARG C 277 -14.67 -2.45 -41.64
C ARG C 277 -14.80 -1.09 -42.29
N PHE C 278 -13.70 -0.55 -42.84
CA PHE C 278 -13.75 0.75 -43.49
C PHE C 278 -14.65 0.73 -44.71
N PHE C 279 -14.63 -0.36 -45.47
CA PHE C 279 -15.48 -0.45 -46.65
C PHE C 279 -16.94 -0.69 -46.29
N ALA C 280 -17.20 -1.46 -45.24
CA ALA C 280 -18.55 -1.84 -44.86
C ALA C 280 -19.19 -0.87 -43.87
N CYS C 281 -18.51 0.22 -43.52
CA CYS C 281 -19.10 1.18 -42.61
C CYS C 281 -20.25 1.92 -43.29
N PRO C 282 -21.38 2.08 -42.60
CA PRO C 282 -22.48 2.85 -43.21
C PRO C 282 -22.12 4.32 -43.42
N SER C 283 -21.59 4.98 -42.40
CA SER C 283 -21.16 6.38 -42.48
C SER C 283 -19.65 6.41 -42.32
N LYS C 284 -18.95 6.64 -43.43
CA LYS C 284 -17.49 6.70 -43.41
C LYS C 284 -16.96 8.02 -42.85
N ALA C 285 -17.82 9.03 -42.70
CA ALA C 285 -17.36 10.30 -42.16
C ALA C 285 -16.99 10.19 -40.69
N GLY C 286 -17.82 9.47 -39.91
CA GLY C 286 -17.58 9.28 -38.50
C GLY C 286 -16.70 8.10 -38.16
N PHE C 287 -16.18 7.39 -39.16
CA PHE C 287 -15.33 6.23 -38.91
C PHE C 287 -14.03 6.64 -38.22
N PHE C 288 -13.44 7.75 -38.65
CA PHE C 288 -12.16 8.18 -38.10
C PHE C 288 -12.30 8.96 -36.80
N THR C 289 -13.53 9.18 -36.33
CA THR C 289 -13.71 9.86 -35.05
C THR C 289 -13.68 8.88 -33.88
N ASN C 290 -14.01 7.61 -34.12
CA ASN C 290 -14.03 6.62 -33.06
C ASN C 290 -12.61 6.30 -32.60
N ILE C 291 -12.41 6.28 -31.28
CA ILE C 291 -11.10 5.95 -30.74
C ILE C 291 -10.73 4.51 -31.04
N MET C 292 -11.71 3.61 -31.06
CA MET C 292 -11.48 2.20 -31.36
C MET C 292 -10.98 1.98 -32.77
N ASN C 293 -11.11 2.94 -33.67
CA ASN C 293 -10.52 2.87 -35.00
C ASN C 293 -9.17 3.53 -35.10
N ILE C 294 -8.94 4.60 -34.34
CA ILE C 294 -7.60 5.18 -34.25
C ILE C 294 -6.63 4.17 -33.63
N ILE C 295 -7.12 3.40 -32.65
CA ILE C 295 -6.27 2.37 -32.04
C ILE C 295 -5.89 1.33 -33.07
N ASP C 296 -6.85 0.90 -33.89
CA ASP C 296 -6.61 -0.07 -34.94
C ASP C 296 -5.68 0.46 -36.01
N ILE C 297 -5.82 1.72 -36.42
CA ILE C 297 -4.93 2.33 -37.39
C ILE C 297 -3.52 2.46 -36.85
N VAL C 298 -3.38 2.90 -35.59
CA VAL C 298 -2.04 3.12 -35.04
C VAL C 298 -1.33 1.80 -34.74
N ALA C 299 -2.04 0.67 -34.78
CA ALA C 299 -1.40 -0.62 -34.55
C ALA C 299 -0.87 -1.23 -35.82
N ILE C 300 -1.18 -0.65 -36.98
CA ILE C 300 -0.74 -1.19 -38.26
C ILE C 300 0.35 -0.28 -38.83
N ILE C 301 0.37 0.98 -38.37
CA ILE C 301 1.35 1.93 -38.88
C ILE C 301 2.79 1.48 -38.65
N PRO C 302 3.20 1.05 -37.45
CA PRO C 302 4.63 0.75 -37.26
C PRO C 302 5.18 -0.29 -38.20
N TYR C 303 4.37 -1.27 -38.61
CA TYR C 303 4.86 -2.29 -39.54
C TYR C 303 5.18 -1.68 -40.91
N PHE C 304 4.31 -0.81 -41.41
CA PHE C 304 4.51 -0.27 -42.74
C PHE C 304 5.62 0.78 -42.77
N ILE C 305 5.80 1.53 -41.68
CA ILE C 305 6.91 2.47 -41.61
C ILE C 305 8.24 1.71 -41.67
N THR C 306 8.33 0.61 -40.94
CA THR C 306 9.54 -0.21 -40.97
C THR C 306 9.77 -0.78 -42.37
N LEU C 307 8.70 -1.25 -43.03
CA LEU C 307 8.84 -1.79 -44.37
C LEU C 307 9.32 -0.72 -45.34
N GLY C 308 8.75 0.48 -45.25
CA GLY C 308 9.20 1.56 -46.12
C GLY C 308 10.64 1.95 -45.86
N THR C 309 11.04 1.99 -44.59
CA THR C 309 12.43 2.28 -44.26
C THR C 309 13.37 1.23 -44.84
N GLU C 310 12.98 -0.04 -44.73
CA GLU C 310 13.86 -1.10 -45.21
C GLU C 310 13.93 -1.12 -46.73
N LEU C 311 12.80 -0.83 -47.40
CA LEU C 311 12.81 -0.74 -48.86
C LEU C 311 13.60 0.46 -49.35
N ALA C 312 13.44 1.61 -48.70
CA ALA C 312 14.11 2.83 -49.11
C ALA C 312 15.40 3.03 -48.31
N SER C 326 17.89 8.19 -37.25
CA SER C 326 17.54 6.94 -37.93
C SER C 326 17.60 5.76 -36.98
N LEU C 327 18.05 6.02 -35.75
CA LEU C 327 18.14 4.97 -34.73
C LEU C 327 17.20 5.23 -33.56
N ALA C 328 17.24 6.43 -32.97
CA ALA C 328 16.34 6.74 -31.87
C ALA C 328 14.89 6.75 -32.34
N ILE C 329 14.63 7.31 -33.52
CA ILE C 329 13.27 7.34 -34.04
C ILE C 329 12.78 5.95 -34.38
N LEU C 330 13.67 5.07 -34.85
CA LEU C 330 13.30 3.69 -35.11
C LEU C 330 12.86 2.98 -33.83
N ARG C 331 13.60 3.19 -32.73
CA ARG C 331 13.20 2.61 -31.45
C ARG C 331 11.90 3.24 -30.94
N VAL C 332 11.68 4.52 -31.21
CA VAL C 332 10.44 5.17 -30.82
C VAL C 332 9.27 4.54 -31.56
N ILE C 333 9.42 4.30 -32.86
CA ILE C 333 8.38 3.61 -33.63
C ILE C 333 8.18 2.21 -33.09
N ARG C 334 9.26 1.53 -32.71
CA ARG C 334 9.13 0.19 -32.13
C ARG C 334 8.32 0.21 -30.84
N LEU C 335 8.54 1.23 -30.00
CA LEU C 335 7.77 1.34 -28.76
C LEU C 335 6.29 1.54 -29.03
N VAL C 336 5.94 2.18 -30.15
CA VAL C 336 4.54 2.41 -30.49
C VAL C 336 3.82 1.09 -30.75
N ARG C 337 4.57 0.04 -31.09
CA ARG C 337 3.96 -1.26 -31.37
C ARG C 337 3.18 -1.79 -30.17
N VAL C 338 3.57 -1.41 -28.95
CA VAL C 338 2.90 -1.92 -27.77
C VAL C 338 1.45 -1.44 -27.65
N PHE C 339 1.07 -0.44 -28.42
CA PHE C 339 -0.29 0.09 -28.34
C PHE C 339 -1.32 -0.83 -28.96
N ARG C 340 -0.92 -1.93 -29.58
CA ARG C 340 -1.89 -2.86 -30.14
C ARG C 340 -2.51 -3.77 -29.10
N ILE C 341 -2.02 -3.74 -27.87
CA ILE C 341 -2.69 -4.42 -26.77
C ILE C 341 -4.05 -3.80 -26.50
N PHE C 342 -4.24 -2.53 -26.88
CA PHE C 342 -5.52 -1.86 -26.71
C PHE C 342 -6.56 -2.28 -27.73
N LYS C 343 -6.18 -3.06 -28.74
CA LYS C 343 -7.17 -3.61 -29.66
C LYS C 343 -8.07 -4.62 -28.97
N LEU C 344 -7.70 -5.08 -27.78
CA LEU C 344 -8.60 -5.92 -26.98
C LEU C 344 -9.79 -5.15 -26.45
N SER C 345 -9.74 -3.82 -26.50
CA SER C 345 -10.87 -3.03 -26.02
C SER C 345 -12.12 -3.25 -26.85
N ARG C 346 -11.94 -3.56 -28.14
CA ARG C 346 -13.09 -3.85 -28.99
C ARG C 346 -13.82 -5.10 -28.54
N HIS C 347 -13.10 -6.04 -27.93
CA HIS C 347 -13.68 -7.31 -27.48
C HIS C 347 -13.86 -7.41 -25.98
N SER C 348 -13.34 -6.46 -25.21
CA SER C 348 -13.47 -6.47 -23.76
C SER C 348 -14.28 -5.27 -23.30
N LYS C 349 -15.38 -5.53 -22.60
CA LYS C 349 -16.19 -4.44 -22.06
C LYS C 349 -15.53 -3.76 -20.87
N GLY C 350 -14.74 -4.51 -20.09
CA GLY C 350 -14.02 -3.88 -18.99
C GLY C 350 -13.03 -2.84 -19.46
N LEU C 351 -12.35 -3.10 -20.57
CA LEU C 351 -11.40 -2.14 -21.10
C LEU C 351 -12.11 -0.88 -21.60
N GLN C 352 -13.28 -1.05 -22.24
CA GLN C 352 -14.06 0.11 -22.65
C GLN C 352 -14.54 0.92 -21.44
N ILE C 353 -14.94 0.22 -20.37
CA ILE C 353 -15.37 0.91 -19.16
C ILE C 353 -14.21 1.69 -18.56
N LEU C 354 -13.02 1.09 -18.57
CA LEU C 354 -11.84 1.80 -18.09
C LEU C 354 -11.55 3.03 -18.93
N GLY C 355 -11.70 2.90 -20.25
CA GLY C 355 -11.50 4.07 -21.12
C GLY C 355 -12.49 5.17 -20.84
N GLN C 356 -13.77 4.82 -20.64
CA GLN C 356 -14.76 5.83 -20.29
C GLN C 356 -14.44 6.47 -18.94
N THR C 357 -13.99 5.67 -17.97
CA THR C 357 -13.64 6.21 -16.66
C THR C 357 -12.49 7.19 -16.77
N LEU C 358 -11.46 6.85 -17.53
CA LEU C 358 -10.33 7.76 -17.72
C LEU C 358 -10.72 9.02 -18.47
N LYS C 359 -11.61 8.90 -19.47
CA LYS C 359 -12.08 10.09 -20.17
C LYS C 359 -12.86 11.00 -19.23
N ALA C 360 -13.69 10.43 -18.37
CA ALA C 360 -14.52 11.22 -17.47
C ALA C 360 -13.77 11.73 -16.25
N SER C 361 -12.55 11.24 -15.99
CA SER C 361 -11.79 11.61 -14.81
C SER C 361 -10.45 12.22 -15.15
N MET C 362 -10.35 12.93 -16.28
CA MET C 362 -9.08 13.56 -16.64
C MET C 362 -8.67 14.64 -15.66
N ARG C 363 -9.63 15.44 -15.16
CA ARG C 363 -9.32 16.44 -14.14
C ARG C 363 -8.75 15.79 -12.90
N GLU C 364 -9.32 14.67 -12.48
CA GLU C 364 -8.86 13.99 -11.27
C GLU C 364 -7.46 13.41 -11.46
N LEU C 365 -7.17 12.85 -12.63
CA LEU C 365 -5.82 12.39 -12.90
C LEU C 365 -4.83 13.55 -12.90
N GLY C 366 -5.23 14.67 -13.49
CA GLY C 366 -4.38 15.84 -13.46
C GLY C 366 -4.10 16.34 -12.05
N LEU C 367 -5.13 16.34 -11.20
CA LEU C 367 -4.93 16.72 -9.80
C LEU C 367 -4.02 15.75 -9.09
N LEU C 368 -4.18 14.44 -9.35
CA LEU C 368 -3.32 13.45 -8.71
C LEU C 368 -1.86 13.68 -9.10
N ILE C 369 -1.61 13.89 -10.40
CA ILE C 369 -0.24 14.11 -10.85
C ILE C 369 0.32 15.42 -10.28
N PHE C 370 -0.50 16.46 -10.24
CA PHE C 370 -0.04 17.74 -9.71
C PHE C 370 0.29 17.65 -8.22
N PHE C 371 -0.57 16.97 -7.45
CA PHE C 371 -0.31 16.79 -6.02
C PHE C 371 0.95 15.97 -5.82
N LEU C 372 1.14 14.92 -6.62
CA LEU C 372 2.35 14.12 -6.52
C LEU C 372 3.57 14.96 -6.84
N PHE C 373 3.48 15.83 -7.84
CA PHE C 373 4.60 16.70 -8.20
C PHE C 373 4.94 17.65 -7.06
N ILE C 374 3.92 18.25 -6.45
CA ILE C 374 4.14 19.14 -5.31
C ILE C 374 4.84 18.40 -4.18
N GLY C 375 4.29 17.25 -3.80
CA GLY C 375 4.87 16.49 -2.71
C GLY C 375 6.28 16.01 -3.01
N VAL C 376 6.52 15.58 -4.25
CA VAL C 376 7.83 15.08 -4.63
C VAL C 376 8.87 16.17 -4.54
N ILE C 377 8.55 17.36 -5.06
CA ILE C 377 9.53 18.44 -4.98
C ILE C 377 9.76 18.87 -3.54
N LEU C 378 8.68 19.01 -2.76
CA LEU C 378 8.83 19.42 -1.37
C LEU C 378 9.70 18.45 -0.58
N PHE C 379 9.39 17.15 -0.68
CA PHE C 379 10.10 16.17 0.13
C PHE C 379 11.50 15.89 -0.42
N SER C 380 11.71 16.03 -1.73
CA SER C 380 13.05 15.92 -2.27
C SER C 380 13.93 17.04 -1.75
N SER C 381 13.41 18.27 -1.73
CA SER C 381 14.18 19.38 -1.16
C SER C 381 14.46 19.14 0.31
N ALA C 382 13.46 18.69 1.07
CA ALA C 382 13.64 18.47 2.49
C ALA C 382 14.68 17.39 2.76
N VAL C 383 14.64 16.28 2.01
CA VAL C 383 15.58 15.20 2.25
C VAL C 383 16.96 15.50 1.71
N TYR C 384 17.08 16.37 0.70
CA TYR C 384 18.41 16.78 0.27
C TYR C 384 19.04 17.70 1.30
N PHE C 385 18.28 18.66 1.82
CA PHE C 385 18.85 19.60 2.78
C PHE C 385 19.02 18.98 4.16
N ALA C 386 18.30 17.90 4.46
CA ALA C 386 18.51 17.21 5.73
C ALA C 386 19.78 16.37 5.72
N GLU C 387 20.15 15.83 4.56
CA GLU C 387 21.31 14.96 4.43
C GLU C 387 22.41 15.59 3.57
N ALA C 388 22.47 16.94 3.54
CA ALA C 388 23.46 17.61 2.71
C ALA C 388 24.86 17.52 3.30
N ASP C 389 24.99 17.56 4.62
CA ASP C 389 26.30 17.60 5.26
C ASP C 389 26.86 16.20 5.48
N GLU C 390 26.93 15.41 4.41
CA GLU C 390 27.57 14.10 4.47
C GLU C 390 28.44 13.90 3.24
N ARG C 391 29.45 13.06 3.38
CA ARG C 391 30.33 12.71 2.27
C ARG C 391 29.83 11.51 1.48
N ASP C 392 28.97 10.69 2.09
CA ASP C 392 28.42 9.49 1.44
C ASP C 392 26.94 9.62 1.16
N SER C 393 26.46 10.86 1.05
CA SER C 393 25.03 11.12 0.84
C SER C 393 24.51 10.44 -0.41
N GLN C 394 23.50 9.59 -0.25
CA GLN C 394 22.91 8.90 -1.39
C GLN C 394 22.07 9.84 -2.26
N PHE C 395 21.80 11.06 -1.79
CA PHE C 395 21.07 12.08 -2.53
C PHE C 395 22.04 13.21 -2.86
N PRO C 396 22.81 13.09 -3.95
CA PRO C 396 23.76 14.18 -4.28
C PRO C 396 23.09 15.50 -4.56
N SER C 397 21.88 15.49 -5.11
CA SER C 397 21.17 16.72 -5.46
C SER C 397 19.68 16.50 -5.22
N ILE C 398 18.89 17.49 -5.60
CA ILE C 398 17.43 17.41 -5.44
C ILE C 398 16.82 16.56 -6.56
N PRO C 399 17.22 16.72 -7.83
CA PRO C 399 16.71 15.80 -8.85
C PRO C 399 17.05 14.34 -8.58
N ASP C 400 18.20 14.07 -7.96
CA ASP C 400 18.54 12.70 -7.61
C ASP C 400 17.61 12.13 -6.54
N ALA C 401 16.92 12.98 -5.79
CA ALA C 401 15.98 12.54 -4.77
C ALA C 401 14.53 12.55 -5.26
N PHE C 402 14.29 12.83 -6.54
CA PHE C 402 12.93 12.83 -7.05
C PHE C 402 12.32 11.44 -7.03
N PHE C 403 13.05 10.45 -7.57
CA PHE C 403 12.51 9.10 -7.64
C PHE C 403 12.34 8.48 -6.26
N TRP C 404 13.26 8.77 -5.33
CA TRP C 404 13.08 8.32 -3.96
C TRP C 404 11.79 8.89 -3.37
N ALA C 405 11.50 10.16 -3.65
CA ALA C 405 10.27 10.77 -3.15
C ALA C 405 9.05 10.11 -3.78
N VAL C 406 9.08 9.85 -5.08
CA VAL C 406 7.95 9.20 -5.73
C VAL C 406 7.72 7.82 -5.13
N VAL C 407 8.80 7.07 -4.93
CA VAL C 407 8.69 5.70 -4.45
C VAL C 407 8.22 5.66 -3.00
N SER C 408 8.69 6.59 -2.18
CA SER C 408 8.21 6.66 -0.80
C SER C 408 6.75 7.08 -0.73
N MET C 409 6.34 8.04 -1.57
CA MET C 409 4.96 8.51 -1.53
C MET C 409 3.99 7.43 -1.96
N THR C 410 4.32 6.68 -3.01
CA THR C 410 3.49 5.57 -3.44
C THR C 410 3.63 4.34 -2.55
N THR C 411 4.49 4.41 -1.54
CA THR C 411 4.76 3.28 -0.63
C THR C 411 5.27 2.06 -1.39
N VAL C 412 5.93 2.30 -2.52
CA VAL C 412 6.64 1.21 -3.18
C VAL C 412 7.87 0.82 -2.38
N GLY C 413 8.61 1.79 -1.85
CA GLY C 413 9.77 1.51 -1.03
C GLY C 413 11.04 1.37 -1.83
N TYR C 414 12.05 2.17 -1.51
CA TYR C 414 13.33 2.15 -2.22
C TYR C 414 14.26 1.08 -1.68
N GLY C 415 13.74 0.10 -0.97
CA GLY C 415 14.58 -0.96 -0.47
C GLY C 415 15.39 -0.51 0.73
N ASP C 416 16.67 -0.82 0.72
CA ASP C 416 17.56 -0.52 1.84
C ASP C 416 18.12 0.89 1.79
N MET C 417 17.96 1.60 0.68
CA MET C 417 18.50 2.96 0.57
C MET C 417 17.56 3.89 1.31
N VAL C 418 18.01 4.35 2.47
CA VAL C 418 17.22 5.21 3.35
C VAL C 418 18.12 6.35 3.82
N PRO C 419 17.56 7.49 4.23
CA PRO C 419 18.41 8.56 4.78
C PRO C 419 19.15 8.10 6.02
N THR C 420 20.38 8.56 6.16
CA THR C 420 21.23 8.13 7.27
C THR C 420 21.16 9.06 8.48
N THR C 421 20.70 10.28 8.30
CA THR C 421 20.63 11.25 9.40
C THR C 421 19.33 11.04 10.18
N ILE C 422 19.11 11.86 11.21
CA ILE C 422 17.85 11.83 11.93
C ILE C 422 16.81 12.71 11.25
N GLY C 423 17.21 13.91 10.84
CA GLY C 423 16.29 14.74 10.06
C GLY C 423 15.89 14.10 8.75
N GLY C 424 16.83 13.39 8.12
CA GLY C 424 16.49 12.65 6.92
C GLY C 424 15.44 11.59 7.17
N LYS C 425 15.56 10.87 8.28
CA LYS C 425 14.57 9.84 8.59
C LYS C 425 13.22 10.45 8.97
N ILE C 426 13.21 11.59 9.65
CA ILE C 426 11.95 12.28 9.91
C ILE C 426 11.29 12.70 8.61
N VAL C 427 12.09 13.22 7.66
CA VAL C 427 11.54 13.61 6.36
C VAL C 427 11.02 12.38 5.62
N GLY C 428 11.73 11.25 5.72
CA GLY C 428 11.25 10.04 5.07
C GLY C 428 9.93 9.54 5.66
N SER C 429 9.81 9.60 6.98
CA SER C 429 8.55 9.22 7.62
C SER C 429 7.42 10.15 7.19
N LEU C 430 7.69 11.45 7.14
CA LEU C 430 6.69 12.40 6.68
C LEU C 430 6.30 12.13 5.23
N CYS C 431 7.27 11.78 4.39
CA CYS C 431 6.99 11.45 3.00
C CYS C 431 6.10 10.22 2.90
N ALA C 432 6.40 9.19 3.69
CA ALA C 432 5.59 7.98 3.68
C ALA C 432 4.15 8.27 4.10
N ILE C 433 3.97 9.10 5.12
CA ILE C 433 2.61 9.46 5.53
C ILE C 433 1.92 10.28 4.45
N ALA C 434 2.60 11.30 3.93
CA ALA C 434 1.96 12.25 3.03
C ALA C 434 1.62 11.61 1.69
N GLY C 435 2.38 10.61 1.27
CA GLY C 435 2.01 9.92 0.04
C GLY C 435 0.66 9.24 0.14
N VAL C 436 0.44 8.49 1.22
CA VAL C 436 -0.86 7.86 1.44
C VAL C 436 -1.92 8.93 1.60
N LEU C 437 -1.60 10.00 2.33
CA LEU C 437 -2.56 11.07 2.60
C LEU C 437 -2.98 11.83 1.34
N THR C 438 -2.11 11.96 0.34
CA THR C 438 -2.39 12.77 -0.83
C THR C 438 -2.80 11.98 -2.06
N ILE C 439 -2.25 10.79 -2.27
CA ILE C 439 -2.70 9.96 -3.38
C ILE C 439 -4.13 9.50 -3.21
N ALA C 440 -4.55 9.23 -1.97
CA ALA C 440 -5.87 8.68 -1.69
C ALA C 440 -6.97 9.74 -1.66
N LEU C 441 -6.66 11.00 -1.93
CA LEU C 441 -7.70 12.02 -1.97
C LEU C 441 -8.45 12.03 -3.30
N PRO C 442 -7.79 12.14 -4.46
CA PRO C 442 -8.53 12.15 -5.73
C PRO C 442 -8.80 10.79 -6.33
N VAL C 443 -8.37 9.70 -5.69
CA VAL C 443 -8.61 8.35 -6.19
C VAL C 443 -10.06 7.92 -5.93
N PRO C 444 -10.66 8.18 -4.75
CA PRO C 444 -12.05 7.74 -4.56
C PRO C 444 -13.02 8.29 -5.57
N VAL C 445 -12.83 9.50 -6.08
CA VAL C 445 -13.77 10.03 -7.08
C VAL C 445 -13.60 9.28 -8.40
N ILE C 446 -12.35 8.91 -8.73
CA ILE C 446 -12.11 8.08 -9.90
C ILE C 446 -12.77 6.72 -9.74
N VAL C 447 -12.70 6.15 -8.55
CA VAL C 447 -13.35 4.87 -8.29
C VAL C 447 -14.87 5.02 -8.41
N SER C 448 -15.41 6.14 -7.96
CA SER C 448 -16.85 6.37 -8.11
C SER C 448 -17.24 6.48 -9.56
N ASN C 449 -16.44 7.17 -10.38
CA ASN C 449 -16.72 7.24 -11.81
C ASN C 449 -16.66 5.87 -12.44
N PHE C 450 -15.67 5.06 -12.06
CA PHE C 450 -15.56 3.71 -12.60
C PHE C 450 -16.76 2.86 -12.21
N ASN C 451 -17.23 2.98 -10.97
CA ASN C 451 -18.39 2.23 -10.54
C ASN C 451 -19.64 2.67 -11.30
N TYR C 452 -19.77 3.97 -11.55
CA TYR C 452 -20.90 4.46 -12.31
C TYR C 452 -20.90 3.91 -13.73
N PHE C 453 -19.72 3.91 -14.37
CA PHE C 453 -19.62 3.38 -15.73
C PHE C 453 -19.65 1.86 -15.78
N TYR C 454 -19.43 1.18 -14.65
CA TYR C 454 -19.41 -0.27 -14.61
C TYR C 454 -20.77 -0.87 -14.26
N HIS C 455 -21.56 -0.19 -13.43
CA HIS C 455 -22.91 -0.63 -13.11
C HIS C 455 -23.96 -0.05 -14.04
N ARG C 456 -23.59 0.85 -14.94
CA ARG C 456 -24.54 1.43 -15.87
C ARG C 456 -25.01 0.43 -16.92
N GLU C 457 -24.26 -0.65 -17.12
CA GLU C 457 -24.67 -1.68 -18.08
C GLU C 457 -25.95 -2.37 -17.62
N THR C 458 -26.07 -2.66 -16.33
CA THR C 458 -27.25 -3.31 -15.79
C THR C 458 -28.11 -2.34 -15.00
N ARG D 175 -21.41 45.97 -8.09
CA ARG D 175 -20.87 45.97 -6.74
C ARG D 175 -20.15 47.28 -6.44
N PRO D 176 -19.63 47.41 -5.21
CA PRO D 176 -18.91 48.65 -4.85
C PRO D 176 -17.52 48.65 -5.44
N LEU D 177 -17.29 49.53 -6.40
CA LEU D 177 -16.00 49.64 -7.04
C LEU D 177 -15.00 50.35 -6.12
N PRO D 178 -13.71 50.18 -6.37
CA PRO D 178 -12.71 50.88 -5.54
C PRO D 178 -12.84 52.39 -5.61
N GLU D 179 -13.39 52.91 -6.70
CA GLU D 179 -13.64 54.34 -6.91
C GLU D 179 -12.43 55.13 -7.35
N ASN D 180 -11.24 54.50 -7.42
CA ASN D 180 -10.06 55.20 -7.90
C ASN D 180 -10.05 55.38 -9.41
N GLU D 181 -10.71 54.49 -10.15
CA GLU D 181 -10.77 54.56 -11.60
C GLU D 181 -9.46 54.13 -12.24
N PHE D 182 -8.44 53.93 -11.41
CA PHE D 182 -7.18 53.36 -11.85
C PHE D 182 -6.72 52.22 -10.96
N GLN D 183 -6.94 52.31 -9.64
CA GLN D 183 -6.61 51.20 -8.76
C GLN D 183 -7.49 49.99 -9.06
N ARG D 184 -8.76 50.22 -9.38
CA ARG D 184 -9.65 49.11 -9.72
C ARG D 184 -9.19 48.39 -10.98
N GLN D 185 -8.72 49.13 -11.97
CA GLN D 185 -8.27 48.51 -13.21
C GLN D 185 -7.07 47.59 -12.97
N VAL D 186 -6.11 48.04 -12.17
CA VAL D 186 -4.93 47.24 -11.89
C VAL D 186 -5.31 46.04 -11.02
N TRP D 187 -6.19 46.26 -10.03
CA TRP D 187 -6.59 45.17 -9.14
C TRP D 187 -7.31 44.07 -9.91
N LEU D 188 -8.23 44.46 -10.80
CA LEU D 188 -8.98 43.48 -11.56
C LEU D 188 -8.07 42.75 -12.54
N LEU D 189 -7.01 43.39 -12.99
CA LEU D 189 -6.05 42.73 -13.88
C LEU D 189 -5.19 41.73 -13.12
N PHE D 190 -4.73 42.09 -11.92
CA PHE D 190 -3.78 41.27 -11.18
C PHE D 190 -4.44 40.33 -10.17
N GLU D 191 -5.77 40.33 -10.08
CA GLU D 191 -6.46 39.45 -9.13
C GLU D 191 -7.54 38.59 -9.77
N TYR D 192 -8.11 39.01 -10.90
CA TYR D 192 -9.18 38.26 -11.57
C TYR D 192 -8.69 37.90 -12.96
N PRO D 193 -8.11 36.71 -13.11
CA PRO D 193 -7.65 36.28 -14.45
C PRO D 193 -8.76 36.20 -15.48
N GLU D 194 -9.99 35.90 -15.06
CA GLU D 194 -11.11 35.78 -15.98
C GLU D 194 -11.65 37.14 -16.43
N SER D 195 -11.13 38.23 -15.88
CA SER D 195 -11.66 39.55 -16.19
C SER D 195 -11.50 39.94 -17.66
N SER D 196 -10.35 39.63 -18.25
CA SER D 196 -10.08 40.03 -19.64
C SER D 196 -8.98 39.14 -20.19
N GLY D 197 -8.59 39.41 -21.44
CA GLY D 197 -7.51 38.69 -22.08
C GLY D 197 -6.16 38.97 -21.46
N PRO D 198 -5.83 40.25 -21.26
CA PRO D 198 -4.57 40.56 -20.57
C PRO D 198 -4.46 39.94 -19.20
N ALA D 199 -5.57 39.82 -18.46
CA ALA D 199 -5.52 39.15 -17.16
C ALA D 199 -5.12 37.68 -17.31
N ARG D 200 -5.67 36.99 -18.31
CA ARG D 200 -5.26 35.61 -18.57
C ARG D 200 -3.80 35.52 -18.97
N ILE D 201 -3.34 36.46 -19.80
CA ILE D 201 -1.93 36.45 -20.21
C ILE D 201 -1.02 36.65 -19.00
N ILE D 202 -1.40 37.57 -18.11
CA ILE D 202 -0.59 37.82 -16.92
C ILE D 202 -0.59 36.60 -16.01
N ALA D 203 -1.74 35.93 -15.86
CA ALA D 203 -1.78 34.72 -15.05
C ALA D 203 -0.89 33.63 -15.62
N ILE D 204 -0.93 33.45 -16.94
CA ILE D 204 -0.08 32.44 -17.58
C ILE D 204 1.39 32.79 -17.38
N VAL D 205 1.74 34.06 -17.54
CA VAL D 205 3.12 34.50 -17.35
C VAL D 205 3.57 34.24 -15.91
N SER D 206 2.69 34.53 -14.94
CA SER D 206 3.05 34.31 -13.54
C SER D 206 3.26 32.83 -13.25
N VAL D 207 2.40 31.97 -13.79
CA VAL D 207 2.58 30.54 -13.60
C VAL D 207 3.89 30.07 -14.22
N MET D 208 4.20 30.56 -15.43
CA MET D 208 5.44 30.18 -16.07
C MET D 208 6.65 30.64 -15.28
N VAL D 209 6.60 31.85 -14.72
CA VAL D 209 7.70 32.35 -13.91
C VAL D 209 7.86 31.53 -12.65
N ILE D 210 6.75 31.15 -12.01
CA ILE D 210 6.83 30.31 -10.82
C ILE D 210 7.48 28.97 -11.16
N LEU D 211 7.06 28.36 -12.28
CA LEU D 211 7.64 27.09 -12.67
C LEU D 211 9.13 27.22 -13.00
N ILE D 212 9.51 28.31 -13.65
CA ILE D 212 10.92 28.53 -13.96
C ILE D 212 11.73 28.70 -12.68
N SER D 213 11.19 29.43 -11.71
CA SER D 213 11.87 29.58 -10.42
C SER D 213 12.02 28.24 -9.73
N ILE D 214 10.99 27.40 -9.79
CA ILE D 214 11.08 26.06 -9.19
C ILE D 214 12.17 25.23 -9.87
N VAL D 215 12.21 25.27 -11.20
CA VAL D 215 13.22 24.51 -11.93
C VAL D 215 14.61 25.01 -11.59
N SER D 216 14.79 26.33 -11.51
CA SER D 216 16.09 26.89 -11.15
C SER D 216 16.50 26.48 -9.74
N PHE D 217 15.55 26.51 -8.80
CA PHE D 217 15.86 26.09 -7.43
C PHE D 217 16.28 24.62 -7.39
N CYS D 218 15.60 23.77 -8.15
CA CYS D 218 15.97 22.35 -8.16
C CYS D 218 17.32 22.12 -8.84
N LEU D 219 17.61 22.88 -9.89
CA LEU D 219 18.83 22.68 -10.67
C LEU D 219 20.05 23.39 -10.08
N GLU D 220 19.86 24.27 -9.09
CA GLU D 220 21.01 24.86 -8.43
C GLU D 220 21.78 23.82 -7.61
N THR D 221 21.09 22.81 -7.09
CA THR D 221 21.70 21.83 -6.22
C THR D 221 22.45 20.74 -6.98
N LEU D 222 22.36 20.73 -8.30
CA LEU D 222 23.00 19.68 -9.08
C LEU D 222 24.51 19.75 -8.92
N PRO D 223 25.20 18.63 -8.70
CA PRO D 223 26.63 18.67 -8.42
C PRO D 223 27.48 19.17 -9.57
N ILE D 224 26.98 19.13 -10.80
CA ILE D 224 27.72 19.62 -11.95
C ILE D 224 27.91 21.13 -11.93
N PHE D 225 26.89 21.87 -11.48
CA PHE D 225 26.96 23.33 -11.44
C PHE D 225 27.32 23.83 -10.04
N GLN D 244 26.82 30.08 -3.53
CA GLN D 244 27.82 29.29 -4.23
C GLN D 244 27.94 27.90 -3.61
N SER D 245 28.42 27.85 -2.37
CA SER D 245 28.56 26.60 -1.64
C SER D 245 27.51 26.41 -0.56
N THR D 246 26.95 27.49 -0.01
CA THR D 246 25.92 27.38 1.00
C THR D 246 24.67 28.18 0.68
N ILE D 247 24.63 28.88 -0.45
CA ILE D 247 23.43 29.63 -0.86
C ILE D 247 22.95 29.28 -2.25
N GLY D 248 23.77 28.68 -3.12
CA GLY D 248 23.35 28.32 -4.45
C GLY D 248 23.53 29.40 -5.50
N TYR D 249 23.94 30.60 -5.10
CA TYR D 249 24.14 31.69 -6.05
C TYR D 249 25.17 32.65 -5.48
N GLN D 250 26.12 33.07 -6.31
CA GLN D 250 27.14 34.00 -5.90
C GLN D 250 26.79 35.39 -6.40
N GLN D 251 26.63 36.34 -5.47
CA GLN D 251 26.23 37.70 -5.81
C GLN D 251 27.42 38.43 -6.45
N SER D 252 27.17 39.04 -7.60
CA SER D 252 28.18 39.82 -8.28
C SER D 252 27.51 40.95 -9.04
N THR D 253 28.24 42.04 -9.25
CA THR D 253 27.71 43.17 -9.99
C THR D 253 27.42 42.79 -11.44
N SER D 254 28.33 42.04 -12.06
CA SER D 254 28.14 41.62 -13.44
C SER D 254 27.16 40.48 -13.59
N PHE D 255 26.75 39.84 -12.49
CA PHE D 255 25.83 38.71 -12.51
C PHE D 255 26.36 37.59 -13.40
N THR D 256 27.52 37.05 -12.98
CA THR D 256 28.15 35.98 -13.75
C THR D 256 27.33 34.69 -13.69
N ASP D 257 26.78 34.37 -12.52
CA ASP D 257 26.08 33.10 -12.35
C ASP D 257 24.73 33.14 -13.08
N PRO D 258 24.47 32.23 -14.02
CA PRO D 258 23.15 32.19 -14.64
C PRO D 258 22.04 31.90 -13.65
N PHE D 259 22.30 31.06 -12.66
CA PHE D 259 21.30 30.77 -11.65
C PHE D 259 20.96 32.00 -10.83
N PHE D 260 21.97 32.82 -10.51
CA PHE D 260 21.71 34.07 -9.84
C PHE D 260 20.85 35.00 -10.70
N ILE D 261 21.11 35.02 -12.01
CA ILE D 261 20.31 35.85 -12.91
C ILE D 261 18.86 35.39 -12.90
N VAL D 262 18.63 34.08 -13.00
CA VAL D 262 17.26 33.56 -13.01
C VAL D 262 16.57 33.85 -11.68
N GLU D 263 17.27 33.63 -10.57
CA GLU D 263 16.68 33.89 -9.26
C GLU D 263 16.34 35.37 -9.11
N THR D 264 17.23 36.26 -9.56
CA THR D 264 16.97 37.69 -9.47
C THR D 264 15.77 38.08 -10.32
N LEU D 265 15.67 37.54 -11.54
CA LEU D 265 14.52 37.86 -12.38
C LEU D 265 13.21 37.39 -11.75
N CYS D 266 13.21 36.17 -11.21
CA CYS D 266 12.01 35.64 -10.58
C CYS D 266 11.63 36.46 -9.34
N ILE D 267 12.63 36.84 -8.54
CA ILE D 267 12.35 37.64 -7.35
C ILE D 267 11.85 39.03 -7.73
N ILE D 268 12.39 39.60 -8.81
CA ILE D 268 11.92 40.90 -9.28
C ILE D 268 10.47 40.81 -9.71
N TRP D 269 10.12 39.76 -10.45
CA TRP D 269 8.73 39.58 -10.86
C TRP D 269 7.82 39.39 -9.65
N PHE D 270 8.25 38.57 -8.68
CA PHE D 270 7.43 38.35 -7.49
C PHE D 270 7.23 39.63 -6.70
N SER D 271 8.30 40.41 -6.54
CA SER D 271 8.20 41.67 -5.80
C SER D 271 7.32 42.67 -6.53
N PHE D 272 7.43 42.73 -7.87
CA PHE D 272 6.55 43.60 -8.63
C PHE D 272 5.09 43.22 -8.45
N GLU D 273 4.78 41.93 -8.59
CA GLU D 273 3.41 41.48 -8.43
C GLU D 273 2.89 41.78 -7.03
N PHE D 274 3.70 41.47 -6.01
CA PHE D 274 3.28 41.69 -4.64
C PHE D 274 3.05 43.17 -4.35
N LEU D 275 3.97 44.03 -4.80
CA LEU D 275 3.82 45.46 -4.55
C LEU D 275 2.61 46.03 -5.27
N VAL D 276 2.38 45.62 -6.52
CA VAL D 276 1.24 46.15 -7.25
C VAL D 276 -0.07 45.68 -6.62
N ARG D 277 -0.13 44.41 -6.19
CA ARG D 277 -1.33 43.96 -5.51
C ARG D 277 -1.54 44.67 -4.19
N PHE D 278 -0.45 44.91 -3.44
CA PHE D 278 -0.57 45.62 -2.17
C PHE D 278 -1.05 47.06 -2.37
N PHE D 279 -0.58 47.72 -3.43
CA PHE D 279 -1.03 49.08 -3.70
C PHE D 279 -2.45 49.12 -4.23
N ALA D 280 -2.85 48.13 -5.02
CA ALA D 280 -4.15 48.12 -5.66
C ALA D 280 -5.22 47.38 -4.87
N CYS D 281 -4.91 46.91 -3.67
CA CYS D 281 -5.90 46.21 -2.87
C CYS D 281 -7.00 47.18 -2.44
N PRO D 282 -8.27 46.77 -2.51
CA PRO D 282 -9.34 47.65 -2.01
C PRO D 282 -9.26 47.87 -0.51
N SER D 283 -9.09 46.81 0.27
CA SER D 283 -8.96 46.89 1.72
C SER D 283 -7.59 46.36 2.09
N LYS D 284 -6.68 47.27 2.46
CA LYS D 284 -5.33 46.88 2.84
C LYS D 284 -5.26 46.27 4.23
N ALA D 285 -6.34 46.36 5.02
CA ALA D 285 -6.33 45.77 6.35
C ALA D 285 -6.32 44.25 6.28
N GLY D 286 -7.13 43.67 5.40
CA GLY D 286 -7.21 42.24 5.22
C GLY D 286 -6.21 41.64 4.26
N PHE D 287 -5.31 42.46 3.70
CA PHE D 287 -4.31 41.93 2.77
C PHE D 287 -3.37 40.96 3.45
N PHE D 288 -2.92 41.29 4.66
CA PHE D 288 -1.97 40.45 5.38
C PHE D 288 -2.64 39.32 6.15
N THR D 289 -3.97 39.23 6.12
CA THR D 289 -4.65 38.11 6.77
C THR D 289 -4.77 36.91 5.84
N ASN D 290 -4.79 37.15 4.53
CA ASN D 290 -4.92 36.06 3.57
C ASN D 290 -3.65 35.22 3.57
N ILE D 291 -3.82 33.88 3.61
CA ILE D 291 -2.66 32.99 3.58
C ILE D 291 -1.96 33.07 2.23
N MET D 292 -2.72 33.30 1.16
CA MET D 292 -2.15 33.40 -0.18
C MET D 292 -1.24 34.60 -0.35
N ASN D 293 -1.26 35.58 0.55
CA ASN D 293 -0.31 36.68 0.55
C ASN D 293 0.86 36.45 1.49
N ILE D 294 0.64 35.74 2.59
CA ILE D 294 1.77 35.35 3.43
C ILE D 294 2.68 34.39 2.68
N ILE D 295 2.11 33.53 1.84
CA ILE D 295 2.91 32.63 1.01
C ILE D 295 3.76 33.44 0.03
N ASP D 296 3.16 34.46 -0.58
CA ASP D 296 3.86 35.34 -1.50
C ASP D 296 4.96 36.12 -0.82
N ILE D 297 4.72 36.65 0.37
CA ILE D 297 5.75 37.39 1.11
C ILE D 297 6.88 36.47 1.54
N VAL D 298 6.55 35.27 2.04
CA VAL D 298 7.58 34.37 2.54
C VAL D 298 8.39 33.75 1.43
N ALA D 299 7.95 33.89 0.17
CA ALA D 299 8.73 33.38 -0.95
C ALA D 299 9.74 34.41 -1.47
N ILE D 300 9.66 35.65 -0.99
CA ILE D 300 10.56 36.71 -1.41
C ILE D 300 11.55 36.98 -0.28
N ILE D 301 11.15 36.62 0.94
CA ILE D 301 11.98 36.91 2.12
C ILE D 301 13.36 36.25 2.04
N PRO D 302 13.50 34.96 1.70
CA PRO D 302 14.84 34.35 1.71
C PRO D 302 15.84 35.04 0.79
N TYR D 303 15.38 35.61 -0.32
CA TYR D 303 16.30 36.26 -1.25
C TYR D 303 16.94 37.49 -0.63
N PHE D 304 16.16 38.32 0.06
CA PHE D 304 16.71 39.55 0.60
C PHE D 304 17.58 39.31 1.82
N ILE D 305 17.28 38.29 2.62
CA ILE D 305 18.14 37.94 3.74
C ILE D 305 19.50 37.50 3.22
N THR D 306 19.51 36.69 2.17
CA THR D 306 20.77 36.25 1.58
C THR D 306 21.54 37.44 1.00
N LEU D 307 20.84 38.37 0.34
CA LEU D 307 21.50 39.54 -0.20
C LEU D 307 22.13 40.39 0.91
N GLY D 308 21.39 40.57 2.01
CA GLY D 308 21.95 41.33 3.12
C GLY D 308 23.15 40.65 3.75
N THR D 309 23.08 39.33 3.89
CA THR D 309 24.22 38.58 4.44
C THR D 309 25.44 38.71 3.54
N GLU D 310 25.23 38.59 2.22
CA GLU D 310 26.35 38.70 1.29
C GLU D 310 26.95 40.10 1.30
N LEU D 311 26.10 41.13 1.26
CA LEU D 311 26.60 42.50 1.18
C LEU D 311 27.19 42.98 2.50
N ALA D 312 26.54 42.67 3.61
CA ALA D 312 27.01 43.11 4.92
C ALA D 312 27.21 41.92 5.86
N SER D 326 25.29 30.81 12.08
CA SER D 326 26.21 31.33 11.07
C SER D 326 26.04 30.57 9.75
N LEU D 327 26.04 29.25 9.83
CA LEU D 327 25.90 28.39 8.66
C LEU D 327 24.62 27.58 8.67
N ALA D 328 24.23 27.06 9.85
CA ALA D 328 22.99 26.28 9.92
C ALA D 328 21.78 27.13 9.61
N ILE D 329 21.74 28.38 10.11
CA ILE D 329 20.62 29.26 9.83
C ILE D 329 20.57 29.63 8.35
N LEU D 330 21.74 29.72 7.70
CA LEU D 330 21.77 29.99 6.27
C LEU D 330 21.12 28.86 5.48
N ARG D 331 21.42 27.60 5.83
CA ARG D 331 20.78 26.47 5.17
C ARG D 331 19.30 26.38 5.52
N VAL D 332 18.93 26.81 6.73
CA VAL D 332 17.52 26.85 7.10
C VAL D 332 16.77 27.84 6.21
N ILE D 333 17.35 29.03 6.01
CA ILE D 333 16.75 30.01 5.12
C ILE D 333 16.68 29.46 3.70
N ARG D 334 17.72 28.75 3.27
CA ARG D 334 17.72 28.17 1.93
C ARG D 334 16.60 27.15 1.78
N LEU D 335 16.36 26.33 2.81
CA LEU D 335 15.27 25.36 2.74
C LEU D 335 13.92 26.05 2.69
N VAL D 336 13.81 27.25 3.28
CA VAL D 336 12.56 27.99 3.25
C VAL D 336 12.21 28.40 1.83
N ARG D 337 13.22 28.49 0.94
CA ARG D 337 12.97 28.86 -0.44
C ARG D 337 12.01 27.91 -1.13
N VAL D 338 11.95 26.65 -0.71
CA VAL D 338 11.09 25.68 -1.37
C VAL D 338 9.62 25.99 -1.20
N PHE D 339 9.26 26.88 -0.29
CA PHE D 339 7.86 27.22 -0.06
C PHE D 339 7.28 28.09 -1.15
N ARG D 340 8.03 28.47 -2.17
CA ARG D 340 7.46 29.23 -3.28
C ARG D 340 6.69 28.36 -4.26
N ILE D 341 6.80 27.02 -4.12
CA ILE D 341 5.97 26.13 -4.92
C ILE D 341 4.51 26.27 -4.54
N PHE D 342 4.22 26.74 -3.33
CA PHE D 342 2.86 26.99 -2.90
C PHE D 342 2.25 28.23 -3.53
N LYS D 343 3.05 29.04 -4.25
CA LYS D 343 2.47 30.15 -4.98
C LYS D 343 1.62 29.69 -6.16
N LEU D 344 1.72 28.42 -6.54
CA LEU D 344 0.82 27.88 -7.54
C LEU D 344 -0.61 27.75 -7.02
N SER D 345 -0.79 27.79 -5.70
CA SER D 345 -2.13 27.72 -5.13
C SER D 345 -2.97 28.91 -5.55
N ARG D 346 -2.34 30.05 -5.84
CA ARG D 346 -3.08 31.21 -6.32
C ARG D 346 -3.73 30.94 -7.67
N HIS D 347 -3.10 30.11 -8.50
CA HIS D 347 -3.60 29.81 -9.83
C HIS D 347 -4.17 28.42 -9.99
N SER D 348 -4.11 27.59 -8.95
CA SER D 348 -4.64 26.23 -9.00
C SER D 348 -5.75 26.07 -7.98
N LYS D 349 -6.94 25.67 -8.45
CA LYS D 349 -8.04 25.44 -7.54
C LYS D 349 -7.89 24.14 -6.75
N GLY D 350 -7.25 23.13 -7.34
CA GLY D 350 -7.01 21.90 -6.60
C GLY D 350 -6.14 22.11 -5.38
N LEU D 351 -5.12 22.96 -5.51
CA LEU D 351 -4.25 23.25 -4.38
C LEU D 351 -5.00 24.00 -3.28
N GLN D 352 -5.87 24.93 -3.67
CA GLN D 352 -6.70 25.62 -2.68
C GLN D 352 -7.65 24.65 -1.99
N ILE D 353 -8.22 23.71 -2.74
CA ILE D 353 -9.09 22.71 -2.15
C ILE D 353 -8.32 21.83 -1.17
N LEU D 354 -7.09 21.47 -1.51
CA LEU D 354 -6.25 20.72 -0.59
C LEU D 354 -5.97 21.52 0.68
N GLY D 355 -5.70 22.82 0.53
CA GLY D 355 -5.47 23.66 1.69
C GLY D 355 -6.70 23.73 2.59
N GLN D 356 -7.88 23.88 2.00
CA GLN D 356 -9.11 23.88 2.79
C GLN D 356 -9.32 22.54 3.50
N THR D 357 -9.03 21.45 2.80
CA THR D 357 -9.16 20.12 3.39
C THR D 357 -8.24 19.96 4.58
N LEU D 358 -6.98 20.39 4.44
CA LEU D 358 -6.04 20.30 5.56
C LEU D 358 -6.44 21.21 6.71
N LYS D 359 -7.00 22.38 6.42
CA LYS D 359 -7.49 23.24 7.49
C LYS D 359 -8.64 22.58 8.23
N ALA D 360 -9.55 21.94 7.51
CA ALA D 360 -10.72 21.32 8.13
C ALA D 360 -10.42 19.97 8.76
N SER D 361 -9.25 19.39 8.51
CA SER D 361 -8.89 18.07 9.02
C SER D 361 -7.69 18.11 9.96
N MET D 362 -7.49 19.22 10.67
CA MET D 362 -6.36 19.32 11.58
C MET D 362 -6.41 18.30 12.70
N ARG D 363 -7.59 18.09 13.31
CA ARG D 363 -7.73 17.07 14.34
C ARG D 363 -7.46 15.69 13.78
N GLU D 364 -7.90 15.43 12.56
CA GLU D 364 -7.70 14.12 11.94
C GLU D 364 -6.23 13.86 11.66
N LEU D 365 -5.50 14.87 11.17
CA LEU D 365 -4.06 14.71 10.98
C LEU D 365 -3.37 14.50 12.32
N GLY D 366 -3.79 15.24 13.35
CA GLY D 366 -3.22 15.03 14.67
C GLY D 366 -3.44 13.63 15.18
N LEU D 367 -4.65 13.09 15.00
CA LEU D 367 -4.92 11.72 15.41
C LEU D 367 -4.09 10.73 14.61
N LEU D 368 -3.94 10.96 13.31
CA LEU D 368 -3.12 10.05 12.50
C LEU D 368 -1.68 10.03 13.00
N ILE D 369 -1.11 11.21 13.26
CA ILE D 369 0.27 11.27 13.74
C ILE D 369 0.38 10.65 15.13
N PHE D 370 -0.60 10.89 16.00
CA PHE D 370 -0.56 10.33 17.34
C PHE D 370 -0.66 8.81 17.32
N PHE D 371 -1.56 8.27 16.50
CA PHE D 371 -1.68 6.82 16.37
C PHE D 371 -0.41 6.21 15.80
N LEU D 372 0.18 6.86 14.81
CA LEU D 372 1.45 6.38 14.28
C LEU D 372 2.54 6.39 15.34
N PHE D 373 2.57 7.43 16.17
CA PHE D 373 3.56 7.51 17.24
C PHE D 373 3.37 6.38 18.24
N ILE D 374 2.12 6.12 18.63
CA ILE D 374 1.83 5.03 19.57
C ILE D 374 2.30 3.70 18.98
N GLY D 375 1.89 3.42 17.74
CA GLY D 375 2.27 2.16 17.11
C GLY D 375 3.77 2.03 16.93
N VAL D 376 4.43 3.13 16.55
CA VAL D 376 5.87 3.08 16.31
C VAL D 376 6.60 2.77 17.60
N ILE D 377 6.24 3.43 18.70
CA ILE D 377 6.92 3.15 19.95
C ILE D 377 6.65 1.72 20.41
N LEU D 378 5.39 1.29 20.34
CA LEU D 378 5.04 -0.06 20.78
C LEU D 378 5.81 -1.12 20.01
N PHE D 379 5.79 -1.03 18.68
CA PHE D 379 6.42 -2.06 17.87
C PHE D 379 7.94 -1.94 17.86
N SER D 380 8.48 -0.72 18.02
CA SER D 380 9.92 -0.59 18.19
C SER D 380 10.39 -1.26 19.47
N SER D 381 9.66 -1.06 20.57
CA SER D 381 10.02 -1.76 21.80
C SER D 381 9.91 -3.26 21.63
N ALA D 382 8.83 -3.73 20.99
CA ALA D 382 8.64 -5.16 20.82
C ALA D 382 9.75 -5.78 19.97
N VAL D 383 10.13 -5.12 18.88
CA VAL D 383 11.14 -5.69 18.00
C VAL D 383 12.55 -5.52 18.55
N TYR D 384 12.80 -4.51 19.40
CA TYR D 384 14.07 -4.46 20.08
C TYR D 384 14.20 -5.58 21.10
N PHE D 385 13.14 -5.82 21.87
CA PHE D 385 13.21 -6.84 22.90
C PHE D 385 13.18 -8.25 22.32
N ALA D 386 12.56 -8.44 21.15
CA ALA D 386 12.55 -9.75 20.52
C ALA D 386 13.90 -10.09 19.90
N GLU D 387 14.61 -9.10 19.38
CA GLU D 387 15.89 -9.31 18.72
C GLU D 387 17.05 -8.71 19.52
N ALA D 388 16.94 -8.66 20.84
CA ALA D 388 18.00 -8.06 21.66
C ALA D 388 19.19 -8.99 21.81
N ASP D 389 18.95 -10.30 21.87
CA ASP D 389 20.01 -11.26 22.19
C ASP D 389 20.75 -11.73 20.94
N GLU D 390 21.24 -10.80 20.12
CA GLU D 390 22.05 -11.14 18.97
C GLU D 390 23.24 -10.20 18.89
N ARG D 391 24.36 -10.74 18.41
CA ARG D 391 25.57 -9.95 18.21
C ARG D 391 25.56 -9.16 16.92
N ASP D 392 24.70 -9.51 15.97
CA ASP D 392 24.56 -8.80 14.71
C ASP D 392 23.19 -8.13 14.59
N SER D 393 22.64 -7.71 15.72
CA SER D 393 21.31 -7.12 15.75
C SER D 393 21.26 -5.84 14.93
N GLN D 394 20.38 -5.80 13.94
CA GLN D 394 20.21 -4.58 13.14
C GLN D 394 19.50 -3.49 13.91
N PHE D 395 18.93 -3.80 15.08
CA PHE D 395 18.27 -2.83 15.94
C PHE D 395 19.05 -2.71 17.23
N PRO D 396 20.12 -1.91 17.27
CA PRO D 396 20.92 -1.81 18.50
C PRO D 396 20.14 -1.26 19.69
N SER D 397 19.14 -0.40 19.45
CA SER D 397 18.36 0.20 20.51
C SER D 397 16.94 0.37 20.01
N ILE D 398 16.12 1.05 20.81
CA ILE D 398 14.73 1.32 20.45
C ILE D 398 14.64 2.50 19.49
N PRO D 399 15.35 3.63 19.71
CA PRO D 399 15.31 4.70 18.70
C PRO D 399 15.82 4.25 17.35
N ASP D 400 16.78 3.33 17.29
CA ASP D 400 17.24 2.81 16.00
C ASP D 400 16.17 2.01 15.29
N ALA D 401 15.16 1.52 16.02
CA ALA D 401 14.06 0.78 15.43
C ALA D 401 12.84 1.64 15.17
N PHE D 402 12.93 2.95 15.39
CA PHE D 402 11.79 3.83 15.14
C PHE D 402 11.47 3.89 13.65
N PHE D 403 12.48 4.16 12.82
CA PHE D 403 12.25 4.31 11.39
C PHE D 403 11.81 3.00 10.75
N TRP D 404 12.36 1.87 11.20
CA TRP D 404 11.88 0.58 10.71
C TRP D 404 10.40 0.41 11.02
N ALA D 405 9.97 0.82 12.22
CA ALA D 405 8.56 0.72 12.57
C ALA D 405 7.71 1.63 11.70
N VAL D 406 8.16 2.86 11.45
CA VAL D 406 7.41 3.77 10.59
C VAL D 406 7.27 3.18 9.19
N VAL D 407 8.37 2.64 8.66
CA VAL D 407 8.40 2.14 7.30
C VAL D 407 7.53 0.89 7.17
N SER D 408 7.57 0.00 8.17
CA SER D 408 6.72 -1.18 8.13
C SER D 408 5.25 -0.81 8.27
N MET D 409 4.93 0.16 9.13
CA MET D 409 3.53 0.53 9.33
C MET D 409 2.93 1.16 8.07
N THR D 410 3.69 2.01 7.38
CA THR D 410 3.23 2.60 6.13
C THR D 410 3.36 1.64 4.96
N THR D 411 3.86 0.43 5.18
CA THR D 411 4.06 -0.56 4.14
C THR D 411 4.99 -0.06 3.05
N VAL D 412 5.89 0.85 3.42
CA VAL D 412 6.94 1.24 2.49
C VAL D 412 7.95 0.10 2.33
N GLY D 413 8.30 -0.56 3.43
CA GLY D 413 9.22 -1.68 3.37
C GLY D 413 10.66 -1.29 3.50
N TYR D 414 11.36 -1.86 4.48
CA TYR D 414 12.76 -1.55 4.74
C TYR D 414 13.70 -2.42 3.92
N GLY D 415 13.25 -2.96 2.81
CA GLY D 415 14.12 -3.77 1.97
C GLY D 415 14.36 -5.12 2.60
N ASP D 416 15.61 -5.56 2.58
CA ASP D 416 15.99 -6.87 3.09
C ASP D 416 16.31 -6.85 4.57
N MET D 417 16.37 -5.68 5.20
CA MET D 417 16.66 -5.60 6.64
C MET D 417 15.38 -5.99 7.38
N VAL D 418 15.38 -7.20 7.91
CA VAL D 418 14.22 -7.77 8.59
C VAL D 418 14.69 -8.43 9.88
N PRO D 419 13.83 -8.61 10.88
CA PRO D 419 14.25 -9.33 12.09
C PRO D 419 14.66 -10.75 11.76
N THR D 420 15.69 -11.22 12.46
CA THR D 420 16.23 -12.55 12.21
C THR D 420 15.64 -13.63 13.11
N THR D 421 15.06 -13.25 14.25
CA THR D 421 14.49 -14.21 15.17
C THR D 421 13.07 -14.58 14.73
N ILE D 422 12.43 -15.48 15.46
CA ILE D 422 11.03 -15.81 15.18
C ILE D 422 10.08 -14.80 15.83
N GLY D 423 10.35 -14.45 17.09
CA GLY D 423 9.56 -13.41 17.73
C GLY D 423 9.70 -12.08 17.01
N GLY D 424 10.89 -11.79 16.50
CA GLY D 424 11.07 -10.58 15.71
C GLY D 424 10.23 -10.58 14.46
N LYS D 425 10.12 -11.72 13.78
CA LYS D 425 9.30 -11.79 12.57
C LYS D 425 7.82 -11.73 12.90
N ILE D 426 7.41 -12.31 14.02
CA ILE D 426 6.02 -12.16 14.46
C ILE D 426 5.70 -10.70 14.73
N VAL D 427 6.62 -10.00 15.39
CA VAL D 427 6.43 -8.58 15.66
C VAL D 427 6.39 -7.79 14.34
N GLY D 428 7.23 -8.15 13.38
CA GLY D 428 7.20 -7.47 12.09
C GLY D 428 5.89 -7.68 11.35
N SER D 429 5.36 -8.91 11.39
CA SER D 429 4.07 -9.18 10.77
C SER D 429 2.96 -8.38 11.45
N LEU D 430 2.98 -8.34 12.78
CA LEU D 430 2.00 -7.55 13.52
C LEU D 430 2.11 -6.07 13.17
N CYS D 431 3.34 -5.57 13.01
CA CYS D 431 3.54 -4.18 12.62
C CYS D 431 2.97 -3.90 11.24
N ALA D 432 3.22 -4.81 10.29
CA ALA D 432 2.69 -4.63 8.95
C ALA D 432 1.17 -4.59 8.95
N ILE D 433 0.54 -5.47 9.74
CA ILE D 433 -0.92 -5.45 9.82
C ILE D 433 -1.41 -4.17 10.49
N ALA D 434 -0.81 -3.80 11.61
CA ALA D 434 -1.32 -2.70 12.42
C ALA D 434 -1.14 -1.37 11.73
N GLY D 435 -0.10 -1.22 10.91
CA GLY D 435 0.05 0.01 10.17
C GLY D 435 -1.10 0.24 9.19
N VAL D 436 -1.44 -0.79 8.42
CA VAL D 436 -2.58 -0.70 7.51
C VAL D 436 -3.86 -0.44 8.30
N LEU D 437 -4.02 -1.14 9.42
CA LEU D 437 -5.24 -1.05 10.21
C LEU D 437 -5.40 0.28 10.93
N THR D 438 -4.31 0.99 11.24
CA THR D 438 -4.36 2.23 12.00
C THR D 438 -4.24 3.47 11.15
N ILE D 439 -3.46 3.45 10.07
CA ILE D 439 -3.42 4.59 9.16
C ILE D 439 -4.76 4.77 8.44
N ALA D 440 -5.45 3.68 8.14
CA ALA D 440 -6.68 3.74 7.36
C ALA D 440 -7.91 4.11 8.19
N LEU D 441 -7.76 4.38 9.48
CA LEU D 441 -8.91 4.78 10.29
C LEU D 441 -9.24 6.26 10.13
N PRO D 442 -8.31 7.20 10.33
CA PRO D 442 -8.65 8.62 10.19
C PRO D 442 -8.53 9.17 8.77
N VAL D 443 -7.94 8.42 7.84
CA VAL D 443 -7.81 8.86 6.45
C VAL D 443 -9.17 8.99 5.77
N PRO D 444 -10.11 8.06 5.94
CA PRO D 444 -11.41 8.23 5.26
C PRO D 444 -12.14 9.51 5.60
N VAL D 445 -12.02 10.01 6.83
CA VAL D 445 -12.70 11.26 7.16
C VAL D 445 -12.03 12.43 6.44
N ILE D 446 -10.71 12.37 6.30
CA ILE D 446 -9.98 13.37 5.52
C ILE D 446 -10.41 13.33 4.06
N VAL D 447 -10.60 12.12 3.52
CA VAL D 447 -11.06 11.98 2.15
C VAL D 447 -12.48 12.54 2.01
N SER D 448 -13.32 12.32 3.01
CA SER D 448 -14.67 12.87 2.97
C SER D 448 -14.65 14.40 2.99
N ASN D 449 -13.79 14.98 3.82
CA ASN D 449 -13.65 16.44 3.83
C ASN D 449 -13.16 16.95 2.48
N PHE D 450 -12.19 16.25 1.88
CA PHE D 450 -11.68 16.66 0.58
C PHE D 450 -12.78 16.58 -0.48
N ASN D 451 -13.59 15.53 -0.44
CA ASN D 451 -14.69 15.41 -1.40
C ASN D 451 -15.72 16.52 -1.20
N TYR D 452 -16.00 16.88 0.06
CA TYR D 452 -16.93 17.96 0.33
C TYR D 452 -16.40 19.27 -0.23
N PHE D 453 -15.11 19.55 -0.03
CA PHE D 453 -14.53 20.79 -0.54
C PHE D 453 -14.26 20.76 -2.04
N TYR D 454 -14.26 19.58 -2.66
CA TYR D 454 -13.97 19.44 -4.08
C TYR D 454 -15.22 19.45 -4.94
N HIS D 455 -16.32 18.84 -4.48
CA HIS D 455 -17.58 18.88 -5.20
C HIS D 455 -18.37 20.14 -4.93
N ARG D 456 -18.00 20.91 -3.89
CA ARG D 456 -18.63 22.20 -3.66
C ARG D 456 -18.16 23.25 -4.65
N GLU D 457 -17.02 23.02 -5.32
CA GLU D 457 -16.54 23.97 -6.32
C GLU D 457 -17.49 24.06 -7.51
N THR D 458 -18.04 22.94 -7.95
CA THR D 458 -18.95 22.93 -9.09
C THR D 458 -20.40 22.75 -8.63
K K E . 3.37 -0.84 -0.17
K K F . 6.61 -1.57 -0.33
#